data_8WO7
#
_entry.id   8WO7
#
_cell.length_a   1.00
_cell.length_b   1.00
_cell.length_c   1.00
_cell.angle_alpha   90.00
_cell.angle_beta   90.00
_cell.angle_gamma   90.00
#
_symmetry.space_group_name_H-M   'P 1'
#
loop_
_entity.id
_entity.type
_entity.pdbx_description
1 polymer 'Adenine/guanine permease AZG1'
2 branched 2-acetamido-2-deoxy-beta-D-glucopyranose-(1-4)-2-acetamido-2-deoxy-beta-D-glucopyranose
#
_entity_poly.entity_id   1
_entity_poly.type   'polypeptide(L)'
_entity_poly.pdbx_seq_one_letter_code
;MEQQQQQQLPSTTTRPKPKLLNRLNTYVGSSRVGKRFKLAERNSTFTTELRAGTATFLTMAYILAVNASILSDSGGTCSV
SDCIPLCSNPAIEPSQCTGPGLRLIQPDVSCKFNPVNPGYAACVEEIRKDLIVATVAASLIGCVIMGLMANLPLALAPGM
GTNAYFAYTVVGFHGSGSISYRTALAAVFIEGLIFLFISAIGFRAKLAKLVPKPVRISSSAGIGLFLAFIGLQNNQGIGL
VGYSPSTLVTLAACPASSRISLAPVITSANGTVSLLAGGSVSGDIMCIHGRMESPTFWLGIVGFVIIAYCLVKNVKGAMI
YGIVFVTAVSWFRNTEVTAFPNTSAGDAAHDYFKKIVDVHVIKHTAGALSFSGINKGHFWEALVTFLYVDILDTTGTLYS
MARFAGFVDEKGDFAGQYFAFMSDASAIVIGSLLGTSPVYVFIESSTGIREGGRTGLTAITVAVYFLLAMFFTPLLASIP
AWAVGPPLILVGVMMMKSVTEIDWEDMREAIPAFVTMILMPLTYSVAYGLIGGIGSYVVLHLWDWGEEGLVKLGFLKRKV
KEEDNNNGVVKASEIDTTVSGRDYKDDDDKWSHPQFEKGGGGSGGSAWSHPQFEK
;
_entity_poly.pdbx_strand_id   A,B
#
# COMPACT_ATOMS: atom_id res chain seq x y z
N PRO A 18 -47.86 -29.74 -20.32
CA PRO A 18 -47.05 -29.93 -19.11
C PRO A 18 -47.21 -28.80 -18.11
N LYS A 19 -46.22 -27.91 -18.03
CA LYS A 19 -46.24 -26.76 -17.14
C LYS A 19 -46.24 -25.49 -17.97
N LEU A 20 -46.79 -24.42 -17.40
CA LEU A 20 -46.78 -23.13 -18.08
C LEU A 20 -45.36 -22.67 -18.35
N LEU A 21 -44.43 -22.97 -17.45
CA LEU A 21 -43.05 -22.54 -17.63
C LEU A 21 -42.42 -23.20 -18.86
N ASN A 22 -42.63 -24.52 -19.01
CA ASN A 22 -42.11 -25.22 -20.17
C ASN A 22 -42.81 -24.77 -21.45
N ARG A 23 -44.10 -24.47 -21.37
CA ARG A 23 -44.81 -23.94 -22.53
C ARG A 23 -44.19 -22.62 -22.97
N LEU A 24 -43.90 -21.73 -22.02
CA LEU A 24 -43.24 -20.47 -22.35
C LEU A 24 -41.87 -20.71 -22.97
N ASN A 25 -41.10 -21.63 -22.40
CA ASN A 25 -39.77 -21.91 -22.92
C ASN A 25 -39.84 -22.41 -24.36
N THR A 26 -40.73 -23.36 -24.64
CA THR A 26 -40.84 -23.90 -25.99
C THR A 26 -41.35 -22.84 -26.96
N TYR A 27 -42.32 -22.03 -26.55
CA TYR A 27 -42.86 -21.01 -27.45
C TYR A 27 -41.78 -19.98 -27.79
N VAL A 28 -41.00 -19.55 -26.80
CA VAL A 28 -39.95 -18.59 -27.07
C VAL A 28 -38.87 -19.20 -27.95
N GLY A 29 -38.47 -20.45 -27.66
CA GLY A 29 -37.41 -21.06 -28.43
C GLY A 29 -37.79 -21.31 -29.88
N SER A 30 -39.06 -21.65 -30.12
CA SER A 30 -39.51 -21.93 -31.48
C SER A 30 -39.92 -20.68 -32.24
N SER A 31 -39.87 -19.50 -31.61
CA SER A 31 -40.31 -18.27 -32.24
C SER A 31 -39.16 -17.61 -33.00
N ARG A 32 -39.47 -16.48 -33.63
CA ARG A 32 -38.47 -15.76 -34.41
C ARG A 32 -37.37 -15.17 -33.52
N VAL A 33 -37.75 -14.63 -32.36
CA VAL A 33 -36.74 -14.06 -31.47
C VAL A 33 -35.84 -15.14 -30.90
N GLY A 34 -36.39 -16.32 -30.61
CA GLY A 34 -35.56 -17.42 -30.13
C GLY A 34 -34.58 -17.89 -31.18
N LYS A 35 -35.00 -17.98 -32.43
CA LYS A 35 -34.09 -18.37 -33.50
C LYS A 35 -33.05 -17.30 -33.77
N ARG A 36 -33.43 -16.03 -33.65
CA ARG A 36 -32.48 -14.94 -33.86
C ARG A 36 -31.40 -14.94 -32.79
N PHE A 37 -31.77 -15.25 -31.55
CA PHE A 37 -30.81 -15.35 -30.47
C PHE A 37 -30.14 -16.72 -30.40
N LYS A 38 -30.59 -17.68 -31.22
CA LYS A 38 -30.02 -19.03 -31.25
C LYS A 38 -30.11 -19.72 -29.90
N LEU A 39 -31.30 -19.66 -29.29
CA LEU A 39 -31.50 -20.37 -28.03
C LEU A 39 -31.39 -21.88 -28.22
N ALA A 40 -31.97 -22.40 -29.30
CA ALA A 40 -31.94 -23.84 -29.53
C ALA A 40 -30.53 -24.35 -29.78
N GLU A 41 -29.75 -23.63 -30.58
CA GLU A 41 -28.40 -24.06 -30.91
C GLU A 41 -27.43 -23.94 -29.75
N ARG A 42 -27.80 -23.23 -28.68
CA ARG A 42 -26.96 -23.12 -27.49
C ARG A 42 -27.56 -23.83 -26.29
N ASN A 43 -28.67 -24.54 -26.48
CA ASN A 43 -29.26 -25.42 -25.46
C ASN A 43 -29.77 -24.65 -24.25
N SER A 44 -29.80 -23.33 -24.33
CA SER A 44 -30.32 -22.52 -23.23
C SER A 44 -31.75 -22.12 -23.50
N THR A 45 -32.60 -22.28 -22.49
CA THR A 45 -34.00 -21.94 -22.61
C THR A 45 -34.23 -20.47 -22.24
N PHE A 46 -35.45 -20.00 -22.47
CA PHE A 46 -35.78 -18.60 -22.20
C PHE A 46 -35.62 -18.26 -20.73
N THR A 47 -36.10 -19.13 -19.84
CA THR A 47 -36.02 -18.84 -18.42
C THR A 47 -34.60 -19.01 -17.89
N THR A 48 -33.81 -19.87 -18.52
CA THR A 48 -32.41 -19.99 -18.15
C THR A 48 -31.67 -18.67 -18.39
N GLU A 49 -31.95 -18.02 -19.52
CA GLU A 49 -31.33 -16.73 -19.79
C GLU A 49 -31.77 -15.69 -18.77
N LEU A 50 -33.05 -15.70 -18.39
CA LEU A 50 -33.54 -14.75 -17.41
C LEU A 50 -32.88 -14.97 -16.05
N ARG A 51 -32.73 -16.23 -15.63
CA ARG A 51 -32.06 -16.50 -14.36
C ARG A 51 -30.59 -16.09 -14.42
N ALA A 52 -29.93 -16.35 -15.54
CA ALA A 52 -28.54 -15.93 -15.68
C ALA A 52 -28.41 -14.42 -15.62
N GLY A 53 -29.30 -13.70 -16.29
CA GLY A 53 -29.27 -12.24 -16.22
C GLY A 53 -29.53 -11.74 -14.81
N THR A 54 -30.46 -12.38 -14.10
CA THR A 54 -30.73 -11.99 -12.73
C THR A 54 -29.50 -12.20 -11.85
N ALA A 55 -28.82 -13.33 -11.99
CA ALA A 55 -27.63 -13.57 -11.19
C ALA A 55 -26.52 -12.59 -11.54
N THR A 56 -26.34 -12.30 -12.83
CA THR A 56 -25.33 -11.33 -13.24
C THR A 56 -25.64 -9.96 -12.65
N PHE A 57 -26.90 -9.54 -12.70
CA PHE A 57 -27.25 -8.24 -12.13
C PHE A 57 -27.06 -8.23 -10.62
N LEU A 58 -27.39 -9.34 -9.95
CA LEU A 58 -27.20 -9.40 -8.50
C LEU A 58 -25.73 -9.27 -8.13
N THR A 59 -24.84 -9.94 -8.88
CA THR A 59 -23.43 -9.87 -8.57
C THR A 59 -22.76 -8.63 -9.13
N MET A 60 -23.46 -7.85 -9.95
CA MET A 60 -22.88 -6.68 -10.59
C MET A 60 -23.41 -5.35 -10.04
N ALA A 61 -24.58 -5.34 -9.41
CA ALA A 61 -25.29 -4.09 -9.16
C ALA A 61 -24.66 -3.21 -8.09
N TYR A 62 -23.56 -3.63 -7.45
CA TYR A 62 -22.88 -2.73 -6.53
C TYR A 62 -22.28 -1.54 -7.27
N ILE A 63 -22.15 -1.62 -8.59
CA ILE A 63 -21.68 -0.50 -9.39
C ILE A 63 -22.60 0.71 -9.22
N LEU A 64 -23.91 0.49 -9.17
CA LEU A 64 -24.86 1.59 -9.13
C LEU A 64 -24.60 2.51 -7.95
N ALA A 65 -24.01 1.98 -6.88
CA ALA A 65 -23.53 2.81 -5.79
C ALA A 65 -22.10 3.26 -6.02
N VAL A 66 -21.19 2.29 -6.21
CA VAL A 66 -19.77 2.60 -6.11
C VAL A 66 -19.32 3.52 -7.24
N ASN A 67 -19.65 3.18 -8.47
CA ASN A 67 -19.14 3.96 -9.61
C ASN A 67 -19.75 5.36 -9.62
N ALA A 68 -21.05 5.45 -9.34
CA ALA A 68 -21.71 6.75 -9.30
C ALA A 68 -21.10 7.64 -8.24
N SER A 69 -20.87 7.09 -7.04
CA SER A 69 -20.28 7.89 -5.97
C SER A 69 -18.85 8.31 -6.32
N ILE A 70 -18.07 7.38 -6.89
CA ILE A 70 -16.66 7.68 -7.18
C ILE A 70 -16.56 8.77 -8.24
N LEU A 71 -17.35 8.64 -9.32
CA LEU A 71 -17.42 9.73 -10.29
C LEU A 71 -17.96 11.02 -9.69
N SER A 72 -18.82 10.92 -8.68
CA SER A 72 -19.33 12.12 -8.03
C SER A 72 -18.21 12.87 -7.32
N ASP A 73 -17.27 12.14 -6.70
CA ASP A 73 -16.12 12.81 -6.10
C ASP A 73 -15.33 13.63 -7.10
N SER A 74 -15.34 13.25 -8.38
CA SER A 74 -14.61 13.98 -9.40
C SER A 74 -15.11 15.40 -9.57
N GLY A 75 -16.33 15.70 -9.12
CA GLY A 75 -16.91 17.01 -9.27
C GLY A 75 -17.72 17.21 -10.52
N GLY A 76 -17.59 16.32 -11.50
CA GLY A 76 -18.32 16.45 -12.75
C GLY A 76 -17.99 17.73 -13.47
N THR A 77 -19.02 18.36 -14.02
CA THR A 77 -18.85 19.60 -14.76
C THR A 77 -18.88 20.84 -13.86
N CYS A 78 -18.97 20.66 -12.55
CA CYS A 78 -18.99 21.82 -11.65
C CYS A 78 -17.66 22.54 -11.67
N SER A 79 -17.73 23.87 -11.65
CA SER A 79 -16.53 24.70 -11.66
C SER A 79 -16.62 25.78 -10.59
N VAL A 80 -15.69 26.73 -10.59
CA VAL A 80 -15.73 27.81 -9.62
C VAL A 80 -16.90 28.73 -9.89
N SER A 81 -17.46 28.69 -11.10
CA SER A 81 -18.64 29.50 -11.40
C SER A 81 -19.87 29.04 -10.64
N ASP A 82 -19.91 27.78 -10.19
CA ASP A 82 -21.03 27.27 -9.43
C ASP A 82 -20.95 27.60 -7.95
N CYS A 83 -19.77 27.95 -7.43
CA CYS A 83 -19.65 28.39 -6.05
C CYS A 83 -20.26 29.78 -5.91
N ILE A 84 -21.08 29.96 -4.88
CA ILE A 84 -21.76 31.24 -4.66
C ILE A 84 -20.90 32.10 -3.76
N PRO A 85 -20.98 33.43 -3.88
CA PRO A 85 -20.25 34.30 -2.94
C PRO A 85 -20.74 34.08 -1.52
N LEU A 86 -19.80 34.14 -0.58
CA LEU A 86 -20.09 33.89 0.83
C LEU A 86 -19.88 35.16 1.63
N CYS A 87 -20.69 35.34 2.66
CA CYS A 87 -20.57 36.52 3.50
C CYS A 87 -19.32 36.44 4.37
N SER A 88 -18.96 37.57 4.97
CA SER A 88 -17.76 37.63 5.80
C SER A 88 -17.86 36.68 6.99
N ASN A 89 -19.01 36.69 7.67
CA ASN A 89 -19.17 35.76 8.77
C ASN A 89 -20.20 34.69 8.46
N PRO A 90 -20.03 33.47 8.98
CA PRO A 90 -21.01 32.41 8.72
C PRO A 90 -22.38 32.69 9.29
N ALA A 91 -22.49 33.57 10.29
CA ALA A 91 -23.74 33.77 11.01
C ALA A 91 -24.79 34.54 10.21
N ILE A 92 -24.42 35.13 9.07
CA ILE A 92 -25.33 35.95 8.30
C ILE A 92 -25.49 35.35 6.91
N GLU A 93 -26.75 35.14 6.51
CA GLU A 93 -27.03 34.62 5.18
C GLU A 93 -26.59 35.63 4.12
N PRO A 94 -26.09 35.17 2.97
CA PRO A 94 -25.44 36.09 2.02
C PRO A 94 -26.31 37.25 1.55
N SER A 95 -27.63 37.08 1.44
CA SER A 95 -28.47 38.19 1.01
C SER A 95 -28.47 39.32 2.04
N GLN A 96 -28.43 38.99 3.32
CA GLN A 96 -28.39 39.97 4.38
C GLN A 96 -26.97 40.41 4.73
N CYS A 97 -26.02 40.23 3.81
CA CYS A 97 -24.63 40.57 4.06
C CYS A 97 -24.37 42.03 3.68
N THR A 98 -25.05 42.93 4.38
CA THR A 98 -24.89 44.37 4.20
C THR A 98 -24.75 45.01 5.57
N GLY A 99 -23.58 45.57 5.86
CA GLY A 99 -23.34 46.22 7.11
C GLY A 99 -21.91 46.74 7.22
N PRO A 100 -21.59 47.36 8.36
CA PRO A 100 -20.21 47.84 8.55
C PRO A 100 -19.25 46.68 8.75
N GLY A 101 -18.14 46.71 8.01
CA GLY A 101 -17.16 45.64 8.09
C GLY A 101 -17.64 44.31 7.57
N LEU A 102 -18.74 44.28 6.83
CA LEU A 102 -19.32 43.05 6.32
C LEU A 102 -19.30 43.09 4.81
N ARG A 103 -18.81 42.01 4.19
CA ARG A 103 -18.67 41.96 2.73
C ARG A 103 -18.84 40.53 2.28
N LEU A 104 -19.17 40.38 0.99
CA LEU A 104 -19.32 39.07 0.38
C LEU A 104 -18.01 38.67 -0.30
N ILE A 105 -17.58 37.45 -0.06
CA ILE A 105 -16.29 36.96 -0.53
C ILE A 105 -16.49 36.27 -1.87
N GLN A 106 -15.81 36.76 -2.90
CA GLN A 106 -15.90 36.14 -4.21
C GLN A 106 -15.27 34.75 -4.18
N PRO A 107 -15.87 33.77 -4.84
CA PRO A 107 -15.31 32.42 -4.81
C PRO A 107 -13.97 32.35 -5.54
N ASP A 108 -13.12 31.46 -5.07
CA ASP A 108 -11.84 31.17 -5.69
C ASP A 108 -11.73 29.66 -5.91
N VAL A 109 -10.54 29.20 -6.29
CA VAL A 109 -10.33 27.78 -6.50
C VAL A 109 -10.52 27.01 -5.19
N SER A 110 -10.32 27.67 -4.06
CA SER A 110 -10.55 27.03 -2.77
C SER A 110 -12.02 26.76 -2.49
N CYS A 111 -12.93 27.31 -3.29
CA CYS A 111 -14.35 27.02 -3.10
C CYS A 111 -14.65 25.54 -3.33
N LYS A 112 -13.86 24.87 -4.16
CA LYS A 112 -14.13 23.48 -4.48
C LYS A 112 -13.74 22.54 -3.36
N PHE A 113 -12.77 22.91 -2.53
CA PHE A 113 -12.23 22.04 -1.50
C PHE A 113 -12.62 22.55 -0.12
N ASN A 114 -12.22 21.80 0.90
CA ASN A 114 -12.67 22.07 2.26
C ASN A 114 -12.22 23.45 2.70
N PRO A 115 -13.13 24.32 3.17
CA PRO A 115 -14.56 24.05 3.33
C PRO A 115 -15.34 24.25 2.04
N VAL A 116 -16.09 23.23 1.62
CA VAL A 116 -16.71 23.24 0.30
C VAL A 116 -17.79 24.30 0.26
N ASN A 117 -17.78 25.11 -0.81
CA ASN A 117 -18.80 26.14 -0.98
C ASN A 117 -20.17 25.48 -1.12
N PRO A 118 -21.20 25.96 -0.42
CA PRO A 118 -22.52 25.32 -0.52
C PRO A 118 -23.05 25.23 -1.94
N GLY A 119 -22.80 26.24 -2.77
CA GLY A 119 -23.18 26.15 -4.16
C GLY A 119 -22.49 25.01 -4.88
N TYR A 120 -21.18 24.85 -4.63
CA TYR A 120 -20.45 23.74 -5.23
C TYR A 120 -20.97 22.40 -4.71
N ALA A 121 -21.33 22.33 -3.43
CA ALA A 121 -21.89 21.09 -2.89
C ALA A 121 -23.21 20.74 -3.57
N ALA A 122 -24.08 21.73 -3.76
CA ALA A 122 -25.35 21.47 -4.45
C ALA A 122 -25.11 21.04 -5.88
N CYS A 123 -24.18 21.69 -6.57
CA CYS A 123 -23.82 21.27 -7.91
C CYS A 123 -23.30 19.84 -7.92
N VAL A 124 -22.54 19.46 -6.90
CA VAL A 124 -22.01 18.10 -6.83
C VAL A 124 -23.13 17.09 -6.61
N GLU A 125 -24.14 17.45 -5.81
CA GLU A 125 -25.28 16.54 -5.66
C GLU A 125 -26.04 16.39 -6.98
N GLU A 126 -26.24 17.49 -7.70
CA GLU A 126 -26.90 17.39 -9.00
C GLU A 126 -26.09 16.52 -9.96
N ILE A 127 -24.77 16.69 -9.95
CA ILE A 127 -23.89 15.85 -10.76
C ILE A 127 -23.94 14.41 -10.31
N ARG A 128 -24.10 14.16 -9.01
CA ARG A 128 -24.23 12.79 -8.53
C ARG A 128 -25.47 12.12 -9.10
N LYS A 129 -26.60 12.84 -9.11
CA LYS A 129 -27.80 12.28 -9.73
C LYS A 129 -27.59 12.05 -11.23
N ASP A 130 -27.00 13.04 -11.91
CA ASP A 130 -26.73 12.88 -13.33
C ASP A 130 -25.83 11.69 -13.60
N LEU A 131 -24.84 11.46 -12.75
CA LEU A 131 -23.89 10.37 -12.95
C LEU A 131 -24.48 9.02 -12.59
N ILE A 132 -25.40 8.96 -11.61
CA ILE A 132 -26.15 7.73 -11.40
C ILE A 132 -26.90 7.37 -12.66
N VAL A 133 -27.64 8.33 -13.22
CA VAL A 133 -28.44 8.04 -14.40
C VAL A 133 -27.53 7.71 -15.58
N ALA A 134 -26.40 8.40 -15.70
CA ALA A 134 -25.49 8.17 -16.81
C ALA A 134 -24.81 6.81 -16.71
N THR A 135 -24.40 6.40 -15.51
CA THR A 135 -23.83 5.07 -15.32
C THR A 135 -24.84 4.00 -15.66
N VAL A 136 -26.08 4.15 -15.19
CA VAL A 136 -27.11 3.16 -15.49
C VAL A 136 -27.39 3.12 -16.98
N ALA A 137 -27.46 4.27 -17.63
CA ALA A 137 -27.76 4.32 -19.06
C ALA A 137 -26.62 3.75 -19.88
N ALA A 138 -25.38 4.04 -19.52
CA ALA A 138 -24.24 3.45 -20.23
C ALA A 138 -24.21 1.94 -20.07
N SER A 139 -24.47 1.44 -18.85
CA SER A 139 -24.52 0.01 -18.65
C SER A 139 -25.65 -0.61 -19.47
N LEU A 140 -26.83 0.04 -19.48
CA LEU A 140 -27.96 -0.48 -20.24
C LEU A 140 -27.65 -0.54 -21.73
N ILE A 141 -27.08 0.53 -22.27
CA ILE A 141 -26.80 0.58 -23.69
C ILE A 141 -25.71 -0.42 -24.07
N GLY A 142 -24.68 -0.54 -23.24
CA GLY A 142 -23.66 -1.55 -23.51
C GLY A 142 -24.20 -2.96 -23.46
N CYS A 143 -25.04 -3.25 -22.48
CA CYS A 143 -25.65 -4.57 -22.39
C CYS A 143 -26.54 -4.85 -23.59
N VAL A 144 -27.31 -3.85 -24.02
CA VAL A 144 -28.19 -4.05 -25.18
C VAL A 144 -27.38 -4.29 -26.44
N ILE A 145 -26.32 -3.51 -26.64
CA ILE A 145 -25.48 -3.68 -27.83
C ILE A 145 -24.82 -5.05 -27.83
N MET A 146 -24.30 -5.47 -26.67
CA MET A 146 -23.67 -6.79 -26.59
C MET A 146 -24.68 -7.90 -26.81
N GLY A 147 -25.88 -7.77 -26.26
CA GLY A 147 -26.88 -8.81 -26.44
C GLY A 147 -27.39 -8.90 -27.86
N LEU A 148 -27.54 -7.77 -28.54
CA LEU A 148 -28.11 -7.76 -29.87
C LEU A 148 -27.06 -7.94 -30.96
N MET A 149 -26.05 -7.07 -30.98
CA MET A 149 -25.08 -7.11 -32.08
C MET A 149 -24.09 -8.26 -31.94
N ALA A 150 -23.68 -8.59 -30.71
CA ALA A 150 -22.70 -9.65 -30.49
C ALA A 150 -23.33 -10.96 -30.07
N ASN A 151 -24.48 -10.92 -29.40
CA ASN A 151 -25.19 -12.11 -28.95
C ASN A 151 -24.31 -12.96 -28.01
N LEU A 152 -23.92 -12.33 -26.91
CA LEU A 152 -23.13 -12.98 -25.87
C LEU A 152 -23.66 -12.60 -24.50
N PRO A 153 -23.63 -13.54 -23.55
CA PRO A 153 -24.14 -13.27 -22.20
C PRO A 153 -23.17 -12.43 -21.36
N LEU A 154 -22.74 -11.31 -21.92
CA LEU A 154 -21.81 -10.40 -21.27
C LEU A 154 -22.52 -9.11 -20.93
N ALA A 155 -22.42 -8.70 -19.66
CA ALA A 155 -23.05 -7.49 -19.17
C ALA A 155 -21.99 -6.41 -19.00
N LEU A 156 -22.27 -5.22 -19.55
CA LEU A 156 -21.32 -4.13 -19.63
C LEU A 156 -21.66 -3.06 -18.62
N ALA A 157 -20.64 -2.47 -18.03
CA ALA A 157 -20.80 -1.47 -16.98
C ALA A 157 -19.48 -0.74 -16.80
N PRO A 158 -19.49 0.50 -16.32
CA PRO A 158 -18.23 1.22 -16.13
C PRO A 158 -17.31 0.46 -15.19
N GLY A 159 -16.05 0.35 -15.57
CA GLY A 159 -15.12 -0.46 -14.82
C GLY A 159 -14.78 0.13 -13.48
N MET A 160 -14.22 -0.71 -12.61
CA MET A 160 -13.93 -0.26 -11.25
C MET A 160 -12.65 0.55 -11.21
N GLY A 161 -11.53 -0.06 -11.62
CA GLY A 161 -10.25 0.62 -11.55
C GLY A 161 -10.15 1.80 -12.49
N THR A 162 -10.71 1.66 -13.70
CA THR A 162 -10.69 2.77 -14.64
C THR A 162 -11.51 3.94 -14.13
N ASN A 163 -12.65 3.66 -13.51
CA ASN A 163 -13.47 4.70 -12.91
C ASN A 163 -12.73 5.40 -11.78
N ALA A 164 -12.08 4.63 -10.91
CA ALA A 164 -11.34 5.22 -9.81
C ALA A 164 -10.19 6.09 -10.32
N TYR A 165 -9.47 5.60 -11.33
CA TYR A 165 -8.40 6.38 -11.95
C TYR A 165 -8.93 7.66 -12.58
N PHE A 166 -10.08 7.58 -13.25
CA PHE A 166 -10.70 8.74 -13.87
C PHE A 166 -11.07 9.78 -12.82
N ALA A 167 -11.68 9.34 -11.72
CA ALA A 167 -12.22 10.28 -10.74
C ALA A 167 -11.13 10.88 -9.88
N TYR A 168 -10.19 10.07 -9.40
CA TYR A 168 -9.24 10.50 -8.37
C TYR A 168 -7.88 10.91 -8.91
N THR A 169 -7.53 10.51 -10.12
CA THR A 169 -6.22 10.83 -10.66
C THR A 169 -6.30 11.74 -11.88
N VAL A 170 -7.11 11.40 -12.88
CA VAL A 170 -7.18 12.23 -14.08
C VAL A 170 -7.84 13.57 -13.76
N VAL A 171 -8.96 13.54 -13.05
CA VAL A 171 -9.68 14.76 -12.72
C VAL A 171 -9.42 15.12 -11.27
N GLY A 172 -9.26 14.12 -10.42
CA GLY A 172 -8.97 14.34 -9.02
C GLY A 172 -10.21 14.72 -8.24
N PHE A 173 -10.07 14.70 -6.92
CA PHE A 173 -11.19 15.01 -6.04
C PHE A 173 -11.60 16.47 -6.22
N HIS A 174 -12.85 16.69 -6.62
CA HIS A 174 -13.39 18.02 -6.86
C HIS A 174 -12.54 18.78 -7.87
N GLY A 175 -12.14 18.11 -8.93
CA GLY A 175 -11.42 18.75 -10.02
C GLY A 175 -10.07 19.33 -9.64
N SER A 176 -9.34 18.64 -8.77
CA SER A 176 -8.00 19.08 -8.37
C SER A 176 -6.91 18.51 -9.26
N GLY A 177 -7.25 17.66 -10.21
CA GLY A 177 -6.26 17.04 -11.07
C GLY A 177 -5.79 17.96 -12.17
N SER A 178 -4.97 17.39 -13.05
CA SER A 178 -4.37 18.14 -14.14
C SER A 178 -5.25 18.22 -15.38
N ILE A 179 -6.32 17.43 -15.45
CA ILE A 179 -7.20 17.39 -16.60
C ILE A 179 -8.62 17.62 -16.13
N SER A 180 -9.34 18.50 -16.81
CA SER A 180 -10.72 18.79 -16.43
C SER A 180 -11.61 17.59 -16.76
N TYR A 181 -12.81 17.60 -16.17
CA TYR A 181 -13.75 16.49 -16.39
C TYR A 181 -14.16 16.39 -17.85
N ARG A 182 -14.41 17.54 -18.48
CA ARG A 182 -14.79 17.53 -19.90
C ARG A 182 -13.66 17.00 -20.77
N THR A 183 -12.42 17.41 -20.48
CA THR A 183 -11.29 16.92 -21.25
C THR A 183 -11.05 15.44 -20.99
N ALA A 184 -11.29 14.97 -19.77
CA ALA A 184 -11.18 13.54 -19.50
C ALA A 184 -12.26 12.76 -20.25
N LEU A 185 -13.46 13.32 -20.35
CA LEU A 185 -14.50 12.70 -21.17
C LEU A 185 -14.08 12.65 -22.64
N ALA A 186 -13.44 13.71 -23.12
CA ALA A 186 -12.92 13.70 -24.48
C ALA A 186 -11.87 12.62 -24.65
N ALA A 187 -11.02 12.43 -23.64
CA ALA A 187 -10.03 11.36 -23.69
C ALA A 187 -10.68 10.00 -23.76
N VAL A 188 -11.74 9.79 -22.98
CA VAL A 188 -12.46 8.52 -23.02
C VAL A 188 -13.10 8.31 -24.39
N PHE A 189 -13.65 9.38 -24.98
CA PHE A 189 -14.28 9.28 -26.29
C PHE A 189 -13.25 8.93 -27.36
N ILE A 190 -12.08 9.58 -27.33
CA ILE A 190 -11.02 9.26 -28.29
C ILE A 190 -10.52 7.85 -28.07
N GLU A 191 -10.46 7.39 -26.82
CA GLU A 191 -10.05 6.02 -26.53
C GLU A 191 -11.04 5.03 -27.12
N GLY A 192 -12.34 5.33 -27.02
CA GLY A 192 -13.34 4.47 -27.63
C GLY A 192 -13.25 4.46 -29.14
N LEU A 193 -12.97 5.62 -29.74
CA LEU A 193 -12.77 5.66 -31.20
C LEU A 193 -11.55 4.84 -31.60
N ILE A 194 -10.48 4.91 -30.82
CA ILE A 194 -9.29 4.12 -31.11
C ILE A 194 -9.59 2.63 -31.03
N PHE A 195 -10.33 2.20 -30.00
CA PHE A 195 -10.70 0.80 -29.93
C PHE A 195 -11.62 0.39 -31.07
N LEU A 196 -12.55 1.27 -31.46
CA LEU A 196 -13.38 0.95 -32.61
C LEU A 196 -12.53 0.73 -33.86
N PHE A 197 -11.51 1.57 -34.05
CA PHE A 197 -10.65 1.43 -35.21
C PHE A 197 -9.82 0.15 -35.15
N ILE A 198 -9.20 -0.13 -34.00
CA ILE A 198 -8.29 -1.26 -33.94
C ILE A 198 -9.04 -2.57 -33.74
N SER A 199 -10.35 -2.51 -33.51
CA SER A 199 -11.16 -3.71 -33.42
C SER A 199 -11.93 -3.98 -34.70
N ALA A 200 -12.23 -2.95 -35.48
CA ALA A 200 -12.78 -3.16 -36.81
C ALA A 200 -11.79 -3.92 -37.68
N ILE A 201 -10.51 -3.56 -37.58
CA ILE A 201 -9.47 -4.32 -38.24
C ILE A 201 -9.29 -5.70 -37.62
N GLY A 202 -9.38 -5.80 -36.30
CA GLY A 202 -9.20 -7.07 -35.61
C GLY A 202 -7.88 -7.22 -34.91
N PHE A 203 -7.26 -6.13 -34.46
CA PHE A 203 -5.92 -6.20 -33.87
C PHE A 203 -5.92 -6.14 -32.36
N ARG A 204 -7.06 -6.12 -31.68
CA ARG A 204 -7.06 -6.01 -30.23
C ARG A 204 -6.38 -7.22 -29.59
N ALA A 205 -6.62 -8.41 -30.13
CA ALA A 205 -5.92 -9.59 -29.66
C ALA A 205 -4.41 -9.42 -29.82
N LYS A 206 -3.98 -8.76 -30.90
CA LYS A 206 -2.55 -8.51 -31.09
C LYS A 206 -2.01 -7.51 -30.07
N LEU A 207 -2.73 -6.42 -29.81
CA LEU A 207 -2.25 -5.45 -28.84
C LEU A 207 -2.38 -5.97 -27.41
N ALA A 208 -3.04 -7.11 -27.23
CA ALA A 208 -3.12 -7.73 -25.92
C ALA A 208 -1.75 -8.25 -25.47
N LYS A 209 -0.77 -8.23 -26.37
CA LYS A 209 0.58 -8.68 -26.04
C LYS A 209 1.60 -7.55 -26.00
N LEU A 210 1.18 -6.30 -26.24
CA LEU A 210 2.13 -5.19 -26.26
C LEU A 210 2.77 -4.99 -24.89
N VAL A 211 1.99 -5.10 -23.83
CA VAL A 211 2.48 -4.85 -22.47
C VAL A 211 3.30 -6.03 -22.00
N PRO A 212 4.28 -5.82 -21.11
CA PRO A 212 5.02 -6.94 -20.54
C PRO A 212 4.12 -7.85 -19.71
N LYS A 213 4.48 -9.12 -19.65
CA LYS A 213 3.68 -10.09 -18.91
C LYS A 213 3.58 -9.75 -17.42
N PRO A 214 4.68 -9.58 -16.67
CA PRO A 214 4.53 -9.29 -15.23
C PRO A 214 3.71 -8.04 -14.96
N VAL A 215 3.86 -7.01 -15.80
CA VAL A 215 3.03 -5.83 -15.68
C VAL A 215 1.57 -6.19 -15.95
N ARG A 216 1.32 -7.03 -16.95
CA ARG A 216 -0.05 -7.41 -17.29
C ARG A 216 -0.73 -8.08 -16.10
N ILE A 217 -0.08 -9.04 -15.46
CA ILE A 217 -0.71 -9.69 -14.32
C ILE A 217 -0.78 -8.76 -13.10
N SER A 218 0.30 -8.05 -12.80
CA SER A 218 0.34 -7.27 -11.56
C SER A 218 -0.48 -5.99 -11.63
N SER A 219 -0.91 -5.57 -12.82
CA SER A 219 -1.75 -4.39 -12.92
C SER A 219 -3.08 -4.61 -12.21
N SER A 220 -3.64 -5.82 -12.33
CA SER A 220 -4.90 -6.12 -11.65
C SER A 220 -4.74 -6.02 -10.14
N ALA A 221 -3.66 -6.58 -9.60
CA ALA A 221 -3.44 -6.53 -8.16
C ALA A 221 -3.15 -5.11 -7.69
N GLY A 222 -2.42 -4.34 -8.49
CA GLY A 222 -2.20 -2.94 -8.15
C GLY A 222 -3.48 -2.14 -8.14
N ILE A 223 -4.34 -2.37 -9.12
CA ILE A 223 -5.65 -1.70 -9.15
C ILE A 223 -6.50 -2.14 -7.97
N GLY A 224 -6.43 -3.41 -7.59
CA GLY A 224 -7.15 -3.87 -6.41
C GLY A 224 -6.67 -3.21 -5.13
N LEU A 225 -5.34 -3.09 -4.99
CA LEU A 225 -4.80 -2.37 -3.83
C LEU A 225 -5.22 -0.91 -3.85
N PHE A 226 -5.24 -0.29 -5.04
CA PHE A 226 -5.70 1.08 -5.16
C PHE A 226 -7.15 1.23 -4.73
N LEU A 227 -8.00 0.30 -5.16
CA LEU A 227 -9.41 0.35 -4.79
C LEU A 227 -9.60 0.14 -3.29
N ALA A 228 -8.85 -0.79 -2.70
CA ALA A 228 -8.95 -1.01 -1.27
C ALA A 228 -8.47 0.21 -0.50
N PHE A 229 -7.40 0.85 -0.96
CA PHE A 229 -6.92 2.07 -0.31
C PHE A 229 -7.94 3.19 -0.44
N ILE A 230 -8.63 3.27 -1.58
CA ILE A 230 -9.74 4.21 -1.70
C ILE A 230 -10.82 3.90 -0.68
N GLY A 231 -11.15 2.62 -0.52
CA GLY A 231 -12.16 2.21 0.44
C GLY A 231 -11.73 2.34 1.89
N LEU A 232 -10.44 2.59 2.13
CA LEU A 232 -9.94 2.84 3.48
C LEU A 232 -9.70 4.32 3.75
N GLN A 233 -10.22 5.21 2.92
CA GLN A 233 -10.08 6.64 3.12
C GLN A 233 -11.36 7.20 3.72
N ASN A 234 -11.46 8.53 3.75
CA ASN A 234 -12.59 9.19 4.40
C ASN A 234 -13.67 9.61 3.40
N ASN A 235 -13.27 10.20 2.27
CA ASN A 235 -14.26 10.77 1.37
C ASN A 235 -15.13 9.70 0.70
N GLN A 236 -14.61 8.50 0.49
CA GLN A 236 -15.44 7.43 -0.04
C GLN A 236 -15.18 6.07 0.62
N GLY A 237 -14.43 6.03 1.72
CA GLY A 237 -14.25 4.78 2.42
C GLY A 237 -14.76 4.84 3.85
N ILE A 238 -14.42 3.84 4.65
CA ILE A 238 -14.86 3.79 6.05
C ILE A 238 -13.96 4.57 6.98
N GLY A 239 -12.85 5.11 6.50
CA GLY A 239 -11.86 5.69 7.37
C GLY A 239 -10.76 4.69 7.63
N LEU A 240 -10.20 4.71 8.84
CA LEU A 240 -9.16 3.82 9.34
C LEU A 240 -7.79 4.14 8.74
N VAL A 241 -7.69 5.00 7.74
CA VAL A 241 -6.40 5.45 7.23
C VAL A 241 -6.45 6.97 7.16
N GLY A 242 -5.65 7.62 8.01
CA GLY A 242 -5.65 9.06 8.10
C GLY A 242 -4.24 9.60 8.03
N TYR A 243 -4.16 10.91 7.89
CA TYR A 243 -2.88 11.59 7.75
C TYR A 243 -2.05 11.41 9.01
N SER A 244 -0.72 11.36 8.81
CA SER A 244 0.20 11.33 9.93
C SER A 244 1.32 12.35 9.69
N PRO A 245 1.61 13.20 10.66
CA PRO A 245 2.64 14.24 10.43
C PRO A 245 4.00 13.68 10.08
N SER A 246 4.39 12.55 10.67
CA SER A 246 5.70 11.97 10.44
C SER A 246 5.66 10.80 9.48
N THR A 247 4.82 9.81 9.75
CA THR A 247 4.74 8.60 8.96
C THR A 247 3.81 8.75 7.76
N LEU A 248 3.04 9.83 7.73
CA LEU A 248 2.15 10.28 6.67
C LEU A 248 0.85 9.49 6.60
N VAL A 249 0.80 8.30 7.19
CA VAL A 249 -0.43 7.50 7.22
C VAL A 249 -0.46 6.68 8.50
N THR A 250 -1.53 6.85 9.28
CA THR A 250 -1.75 6.06 10.49
C THR A 250 -3.22 5.69 10.59
N LEU A 251 -3.60 5.21 11.77
CA LEU A 251 -4.93 4.70 12.03
C LEU A 251 -5.91 5.86 12.22
N ALA A 252 -6.85 5.99 11.29
CA ALA A 252 -7.96 6.92 11.35
C ALA A 252 -9.15 6.22 12.00
N ALA A 253 -10.36 6.69 11.67
CA ALA A 253 -11.63 6.14 12.15
C ALA A 253 -11.93 6.61 13.56
N CYS A 254 -11.49 7.82 13.87
CA CYS A 254 -12.06 8.57 14.97
C CYS A 254 -13.23 9.40 14.49
N PRO A 255 -14.11 9.84 15.40
CA PRO A 255 -15.32 10.56 14.98
C PRO A 255 -14.98 11.81 14.20
N ALA A 256 -15.87 12.17 13.26
CA ALA A 256 -15.63 13.30 12.38
C ALA A 256 -15.44 14.59 13.14
N SER A 257 -15.99 14.68 14.36
CA SER A 257 -15.76 15.87 15.18
C SER A 257 -14.33 16.00 15.64
N SER A 258 -13.56 14.90 15.61
CA SER A 258 -12.17 14.90 16.04
C SER A 258 -11.20 14.80 14.87
N ARG A 259 -11.57 15.35 13.72
CA ARG A 259 -10.71 15.41 12.55
C ARG A 259 -10.49 16.86 12.16
N ILE A 260 -9.26 17.18 11.78
CA ILE A 260 -8.87 18.56 11.47
C ILE A 260 -8.13 18.60 10.15
N SER A 261 -8.08 19.79 9.57
CA SER A 261 -7.50 20.01 8.26
C SER A 261 -6.03 20.41 8.37
N LEU A 262 -5.36 20.45 7.22
CA LEU A 262 -3.96 20.80 7.12
C LEU A 262 -3.77 21.89 6.10
N ALA A 263 -2.86 22.81 6.39
CA ALA A 263 -2.50 23.86 5.45
C ALA A 263 -0.98 23.96 5.41
N PRO A 264 -0.41 24.11 4.21
CA PRO A 264 1.04 24.20 4.10
C PRO A 264 1.59 25.42 4.82
N VAL A 265 2.77 25.26 5.44
CA VAL A 265 3.38 26.28 6.26
C VAL A 265 4.87 26.39 5.91
N ILE A 266 5.52 27.36 6.53
CA ILE A 266 6.95 27.63 6.31
C ILE A 266 7.67 27.44 7.63
N THR A 267 8.76 26.68 7.60
CA THR A 267 9.58 26.46 8.78
C THR A 267 10.82 27.35 8.73
N SER A 268 11.26 27.77 9.92
CA SER A 268 12.46 28.58 10.05
C SER A 268 13.31 27.96 11.16
N ALA A 269 14.41 28.61 11.52
CA ALA A 269 15.30 28.08 12.53
C ALA A 269 14.87 28.40 13.95
N ASN A 270 13.77 29.14 14.12
CA ASN A 270 13.26 29.43 15.45
C ASN A 270 11.89 28.80 15.67
N GLY A 271 10.95 29.10 14.78
CA GLY A 271 9.58 28.62 14.90
C GLY A 271 8.90 28.55 13.55
N THR A 272 7.75 27.89 13.51
CA THR A 272 7.07 27.63 12.24
C THR A 272 6.10 28.76 11.87
N VAL A 273 6.63 29.90 11.43
CA VAL A 273 5.80 30.99 10.94
C VAL A 273 5.08 30.48 9.69
N SER A 274 3.76 30.48 9.75
CA SER A 274 2.95 29.58 8.93
C SER A 274 2.32 30.19 7.68
N LEU A 275 1.41 29.43 7.07
CA LEU A 275 0.51 29.89 6.02
C LEU A 275 1.18 30.44 4.76
N LEU A 276 1.82 29.55 4.01
CA LEU A 276 2.05 29.78 2.59
C LEU A 276 0.71 30.22 2.00
N ALA A 277 0.66 31.45 1.50
CA ALA A 277 -0.60 32.02 1.05
C ALA A 277 -1.13 31.25 -0.15
N GLY A 278 -2.44 30.99 -0.15
CA GLY A 278 -3.07 30.25 -1.22
C GLY A 278 -2.88 28.76 -1.17
N GLY A 279 -2.35 28.22 -0.08
CA GLY A 279 -2.14 26.78 0.01
C GLY A 279 -3.44 26.02 0.03
N SER A 280 -3.39 24.80 -0.52
CA SER A 280 -4.58 23.96 -0.64
C SER A 280 -4.83 23.27 0.69
N VAL A 281 -5.88 23.71 1.40
CA VAL A 281 -6.24 23.09 2.66
C VAL A 281 -6.87 21.74 2.40
N SER A 282 -6.48 20.74 3.20
CA SER A 282 -6.98 19.38 3.03
C SER A 282 -8.41 19.28 3.56
N GLY A 283 -8.93 18.06 3.60
CA GLY A 283 -10.26 17.83 4.15
C GLY A 283 -10.18 17.67 5.66
N ASP A 284 -10.72 16.57 6.17
CA ASP A 284 -10.61 16.23 7.58
C ASP A 284 -9.90 14.89 7.65
N ILE A 285 -8.57 14.92 7.64
CA ILE A 285 -7.77 13.71 7.53
C ILE A 285 -6.92 13.43 8.76
N MET A 286 -6.59 14.43 9.57
CA MET A 286 -5.74 14.23 10.72
C MET A 286 -6.61 14.01 11.95
N CYS A 287 -6.32 12.94 12.68
CA CYS A 287 -7.10 12.56 13.86
C CYS A 287 -6.41 13.08 15.11
N ILE A 288 -7.17 13.73 15.98
CA ILE A 288 -6.60 14.27 17.22
C ILE A 288 -6.76 13.29 18.38
N HIS A 289 -7.94 12.70 18.54
CA HIS A 289 -8.13 11.68 19.58
C HIS A 289 -9.30 10.80 19.18
N GLY A 290 -9.61 9.86 20.05
CA GLY A 290 -10.74 8.97 19.85
C GLY A 290 -10.59 8.00 18.69
N ARG A 291 -9.37 7.52 18.44
CA ARG A 291 -9.14 6.58 17.35
C ARG A 291 -9.93 5.30 17.58
N MET A 292 -10.39 4.69 16.48
CA MET A 292 -11.18 3.46 16.53
C MET A 292 -12.47 3.67 17.32
N GLU A 293 -13.10 4.83 17.17
CA GLU A 293 -14.33 5.12 17.85
C GLU A 293 -15.40 5.77 16.98
N SER A 294 -15.13 5.99 15.71
CA SER A 294 -16.12 6.60 14.84
C SER A 294 -17.20 5.58 14.51
N PRO A 295 -18.47 5.85 14.81
CA PRO A 295 -19.53 4.87 14.52
C PRO A 295 -19.68 4.55 13.05
N THR A 296 -19.40 5.50 12.16
CA THR A 296 -19.51 5.21 10.73
C THR A 296 -18.53 4.12 10.31
N PHE A 297 -17.31 4.16 10.85
CA PHE A 297 -16.33 3.13 10.54
C PHE A 297 -16.79 1.77 11.05
N TRP A 298 -17.39 1.72 12.24
CA TRP A 298 -17.85 0.44 12.76
C TRP A 298 -19.05 -0.08 11.98
N LEU A 299 -19.93 0.79 11.53
CA LEU A 299 -21.00 0.36 10.63
C LEU A 299 -20.44 -0.17 9.32
N GLY A 300 -19.41 0.49 8.79
CA GLY A 300 -18.73 -0.04 7.62
C GLY A 300 -18.10 -1.39 7.87
N ILE A 301 -17.55 -1.59 9.07
CA ILE A 301 -16.96 -2.89 9.40
C ILE A 301 -18.04 -3.96 9.50
N VAL A 302 -19.21 -3.61 10.04
CA VAL A 302 -20.31 -4.56 10.09
C VAL A 302 -20.76 -4.94 8.68
N GLY A 303 -20.88 -3.95 7.80
CA GLY A 303 -21.19 -4.25 6.41
C GLY A 303 -20.12 -5.07 5.74
N PHE A 304 -18.86 -4.81 6.08
CA PHE A 304 -17.74 -5.60 5.58
C PHE A 304 -17.86 -7.06 6.01
N VAL A 305 -18.21 -7.29 7.27
CA VAL A 305 -18.39 -8.65 7.76
C VAL A 305 -19.55 -9.32 7.04
N ILE A 306 -20.63 -8.58 6.81
CA ILE A 306 -21.79 -9.14 6.12
C ILE A 306 -21.42 -9.55 4.70
N ILE A 307 -20.74 -8.66 3.97
CA ILE A 307 -20.34 -8.98 2.61
C ILE A 307 -19.37 -10.14 2.60
N ALA A 308 -18.43 -10.17 3.55
CA ALA A 308 -17.45 -11.24 3.60
C ALA A 308 -18.10 -12.59 3.85
N TYR A 309 -19.05 -12.64 4.79
CA TYR A 309 -19.77 -13.89 5.04
C TYR A 309 -20.59 -14.32 3.83
N CYS A 310 -21.27 -13.38 3.18
CA CYS A 310 -22.07 -13.76 2.01
C CYS A 310 -21.19 -14.19 0.84
N LEU A 311 -19.98 -13.63 0.74
CA LEU A 311 -19.03 -14.09 -0.28
C LEU A 311 -18.51 -15.48 0.06
N VAL A 312 -18.25 -15.73 1.34
CA VAL A 312 -17.77 -17.04 1.77
C VAL A 312 -18.82 -18.11 1.50
N LYS A 313 -20.08 -17.81 1.82
CA LYS A 313 -21.17 -18.74 1.66
C LYS A 313 -21.67 -18.84 0.21
N ASN A 314 -20.95 -18.22 -0.73
CA ASN A 314 -21.32 -18.24 -2.15
C ASN A 314 -22.73 -17.70 -2.36
N VAL A 315 -23.08 -16.66 -1.62
CA VAL A 315 -24.38 -16.01 -1.74
C VAL A 315 -24.28 -14.93 -2.81
N LYS A 316 -25.12 -15.01 -3.83
CA LYS A 316 -25.12 -13.98 -4.86
C LYS A 316 -25.65 -12.67 -4.30
N GLY A 317 -25.05 -11.57 -4.72
CA GLY A 317 -25.43 -10.28 -4.20
C GLY A 317 -24.88 -9.97 -2.83
N ALA A 318 -23.69 -10.48 -2.49
CA ALA A 318 -23.07 -10.14 -1.23
C ALA A 318 -22.82 -8.64 -1.13
N MET A 319 -22.26 -8.07 -2.19
CA MET A 319 -22.01 -6.62 -2.23
C MET A 319 -23.31 -5.86 -2.05
N ILE A 320 -24.37 -6.29 -2.72
CA ILE A 320 -25.66 -5.63 -2.61
C ILE A 320 -26.18 -5.70 -1.18
N TYR A 321 -26.10 -6.88 -0.56
CA TYR A 321 -26.63 -7.01 0.78
C TYR A 321 -25.88 -6.14 1.78
N GLY A 322 -24.55 -6.09 1.68
CA GLY A 322 -23.80 -5.23 2.58
C GLY A 322 -24.10 -3.75 2.36
N ILE A 323 -24.14 -3.34 1.09
CA ILE A 323 -24.44 -1.94 0.79
C ILE A 323 -25.82 -1.57 1.29
N VAL A 324 -26.80 -2.43 1.05
CA VAL A 324 -28.18 -2.14 1.44
C VAL A 324 -28.30 -2.08 2.96
N PHE A 325 -27.64 -3.00 3.67
CA PHE A 325 -27.72 -2.97 5.13
C PHE A 325 -27.11 -1.68 5.68
N VAL A 326 -25.91 -1.33 5.22
CA VAL A 326 -25.26 -0.13 5.74
C VAL A 326 -26.07 1.11 5.38
N THR A 327 -26.57 1.17 4.14
CA THR A 327 -27.32 2.33 3.70
C THR A 327 -28.64 2.46 4.45
N ALA A 328 -29.31 1.34 4.73
CA ALA A 328 -30.57 1.38 5.47
C ALA A 328 -30.35 1.80 6.91
N VAL A 329 -29.24 1.36 7.52
CA VAL A 329 -28.92 1.85 8.86
C VAL A 329 -28.61 3.35 8.82
N SER A 330 -27.97 3.81 7.74
CA SER A 330 -27.63 5.21 7.61
C SER A 330 -28.79 6.08 7.18
N TRP A 331 -29.92 5.49 6.79
CA TRP A 331 -31.06 6.26 6.34
C TRP A 331 -31.84 6.88 7.49
N PHE A 332 -31.62 6.44 8.72
CA PHE A 332 -32.28 7.06 9.86
C PHE A 332 -31.71 8.44 10.11
N ARG A 333 -32.58 9.38 10.48
CA ARG A 333 -32.25 10.79 10.37
C ARG A 333 -31.34 11.28 11.49
N ASN A 334 -31.54 10.81 12.71
CA ASN A 334 -30.91 11.43 13.88
C ASN A 334 -29.97 10.47 14.60
N THR A 335 -29.15 9.75 13.85
CA THR A 335 -28.11 8.91 14.41
C THR A 335 -26.75 9.51 14.08
N GLU A 336 -25.70 8.92 14.67
CA GLU A 336 -24.35 9.34 14.36
C GLU A 336 -23.85 8.78 13.04
N VAL A 337 -24.54 7.78 12.50
CA VAL A 337 -24.18 7.17 11.23
C VAL A 337 -25.12 7.62 10.11
N THR A 338 -25.87 8.70 10.33
CA THR A 338 -26.89 9.11 9.38
C THR A 338 -26.27 9.59 8.06
N ALA A 339 -26.96 9.31 6.96
CA ALA A 339 -26.57 9.81 5.65
C ALA A 339 -27.18 11.16 5.34
N PHE A 340 -28.08 11.66 6.19
CA PHE A 340 -28.72 12.96 6.03
C PHE A 340 -28.54 13.73 7.34
N PRO A 341 -27.40 14.37 7.53
CA PRO A 341 -27.19 15.14 8.76
C PRO A 341 -28.10 16.36 8.81
N ASN A 342 -28.25 16.89 10.02
CA ASN A 342 -29.16 18.02 10.22
C ASN A 342 -28.55 19.31 9.68
N THR A 343 -28.36 19.36 8.36
CA THR A 343 -27.85 20.54 7.68
C THR A 343 -28.76 20.84 6.49
N SER A 344 -28.53 21.98 5.85
CA SER A 344 -29.32 22.32 4.66
C SER A 344 -29.07 21.32 3.54
N ALA A 345 -27.81 20.94 3.32
CA ALA A 345 -27.51 19.92 2.33
C ALA A 345 -28.08 18.57 2.74
N GLY A 346 -27.98 18.24 4.03
CA GLY A 346 -28.58 17.01 4.50
C GLY A 346 -30.10 17.00 4.38
N ASP A 347 -30.73 18.14 4.68
CA ASP A 347 -32.17 18.25 4.51
C ASP A 347 -32.57 18.09 3.04
N ALA A 348 -31.80 18.69 2.13
CA ALA A 348 -32.09 18.53 0.71
C ALA A 348 -31.91 17.07 0.28
N ALA A 349 -30.87 16.41 0.77
CA ALA A 349 -30.66 15.01 0.45
C ALA A 349 -31.81 14.15 0.95
N HIS A 350 -32.28 14.42 2.17
CA HIS A 350 -33.41 13.66 2.70
C HIS A 350 -34.68 13.95 1.93
N ASP A 351 -34.87 15.20 1.50
CA ASP A 351 -36.07 15.55 0.73
C ASP A 351 -36.07 14.84 -0.61
N TYR A 352 -34.90 14.76 -1.26
CA TYR A 352 -34.83 14.01 -2.52
C TYR A 352 -34.99 12.52 -2.29
N PHE A 353 -34.49 12.01 -1.15
CA PHE A 353 -34.62 10.59 -0.86
C PHE A 353 -36.06 10.22 -0.53
N LYS A 354 -36.84 11.17 0.00
CA LYS A 354 -38.19 10.87 0.45
C LYS A 354 -39.06 10.40 -0.71
N LYS A 355 -38.93 11.03 -1.88
CA LYS A 355 -39.59 10.53 -3.08
C LYS A 355 -38.85 9.29 -3.56
N ILE A 356 -39.42 8.12 -3.33
CA ILE A 356 -38.70 6.86 -3.56
C ILE A 356 -38.32 6.73 -5.03
N VAL A 357 -39.24 7.03 -5.93
CA VAL A 357 -39.06 6.83 -7.36
C VAL A 357 -39.02 8.19 -8.06
N ASP A 358 -38.06 8.36 -8.95
CA ASP A 358 -37.93 9.61 -9.70
C ASP A 358 -37.24 9.31 -11.02
N VAL A 359 -37.78 9.87 -12.10
CA VAL A 359 -37.17 9.77 -13.42
C VAL A 359 -36.31 11.02 -13.60
N HIS A 360 -35.01 10.80 -13.72
CA HIS A 360 -34.07 11.92 -13.78
C HIS A 360 -33.53 12.09 -15.20
N VAL A 361 -33.48 13.34 -15.65
CA VAL A 361 -32.98 13.68 -16.97
C VAL A 361 -31.62 14.33 -16.79
N ILE A 362 -30.60 13.78 -17.46
CA ILE A 362 -29.26 14.31 -17.34
C ILE A 362 -29.21 15.68 -17.99
N LYS A 363 -28.74 16.67 -17.22
CA LYS A 363 -28.73 18.05 -17.68
C LYS A 363 -27.34 18.65 -17.82
N HIS A 364 -26.36 18.19 -17.02
CA HIS A 364 -25.00 18.72 -17.10
C HIS A 364 -24.02 17.76 -17.74
N THR A 365 -24.11 16.47 -17.43
CA THR A 365 -23.09 15.50 -17.79
C THR A 365 -23.20 15.01 -19.23
N ALA A 366 -24.41 14.93 -19.77
CA ALA A 366 -24.61 14.38 -21.11
C ALA A 366 -24.03 15.34 -22.16
N GLY A 367 -23.25 14.79 -23.07
CA GLY A 367 -22.66 15.58 -24.14
C GLY A 367 -21.72 16.66 -23.66
N ALA A 368 -20.98 16.39 -22.58
CA ALA A 368 -20.10 17.37 -21.96
C ALA A 368 -18.65 17.19 -22.41
N LEU A 369 -18.43 16.72 -23.64
CA LEU A 369 -17.09 16.56 -24.16
C LEU A 369 -16.46 17.92 -24.46
N SER A 370 -15.14 17.97 -24.41
CA SER A 370 -14.40 19.18 -24.73
C SER A 370 -13.00 18.80 -25.15
N PHE A 371 -12.64 19.08 -26.40
CA PHE A 371 -11.34 18.74 -26.94
C PHE A 371 -10.34 19.88 -26.83
N SER A 372 -10.48 20.73 -25.82
CA SER A 372 -9.57 21.87 -25.69
C SER A 372 -8.20 21.44 -25.17
N GLY A 373 -8.14 20.41 -24.36
CA GLY A 373 -6.90 20.03 -23.70
C GLY A 373 -6.12 18.92 -24.37
N ILE A 374 -6.34 18.72 -25.67
CA ILE A 374 -5.66 17.64 -26.39
C ILE A 374 -4.15 17.84 -26.34
N ASN A 375 -3.69 19.07 -26.54
CA ASN A 375 -2.25 19.35 -26.62
C ASN A 375 -1.51 19.11 -25.30
N LYS A 376 -2.22 19.02 -24.18
CA LYS A 376 -1.56 18.84 -22.90
C LYS A 376 -1.05 17.41 -22.76
N GLY A 377 0.10 17.26 -22.09
CA GLY A 377 0.69 15.95 -21.92
C GLY A 377 -0.12 15.04 -21.00
N HIS A 378 -0.73 15.62 -19.97
CA HIS A 378 -1.53 14.80 -19.05
C HIS A 378 -2.72 14.18 -19.76
N PHE A 379 -3.29 14.88 -20.75
CA PHE A 379 -4.38 14.31 -21.52
C PHE A 379 -3.94 13.02 -22.21
N TRP A 380 -2.77 13.05 -22.85
CA TRP A 380 -2.28 11.87 -23.55
C TRP A 380 -1.85 10.78 -22.56
N GLU A 381 -1.32 11.16 -21.41
CA GLU A 381 -1.02 10.17 -20.38
C GLU A 381 -2.28 9.44 -19.95
N ALA A 382 -3.35 10.19 -19.69
CA ALA A 382 -4.62 9.59 -19.30
C ALA A 382 -5.18 8.71 -20.40
N LEU A 383 -5.11 9.18 -21.65
CA LEU A 383 -5.65 8.40 -22.76
C LEU A 383 -4.88 7.10 -22.96
N VAL A 384 -3.55 7.15 -22.88
CA VAL A 384 -2.75 5.94 -23.04
C VAL A 384 -3.00 4.99 -21.88
N THR A 385 -3.18 5.53 -20.67
CA THR A 385 -3.53 4.68 -19.54
C THR A 385 -4.87 4.00 -19.76
N PHE A 386 -5.85 4.74 -20.27
CA PHE A 386 -7.14 4.14 -20.58
C PHE A 386 -6.99 3.03 -21.61
N LEU A 387 -6.22 3.29 -22.67
CA LEU A 387 -5.97 2.24 -23.66
C LEU A 387 -5.39 0.99 -23.01
N TYR A 388 -4.32 1.15 -22.24
CA TYR A 388 -3.66 -0.02 -21.64
C TYR A 388 -4.60 -0.77 -20.73
N VAL A 389 -5.25 -0.06 -19.80
CA VAL A 389 -6.08 -0.73 -18.80
C VAL A 389 -7.28 -1.39 -19.46
N ASP A 390 -7.91 -0.68 -20.41
CA ASP A 390 -9.06 -1.27 -21.12
C ASP A 390 -8.64 -2.50 -21.90
N ILE A 391 -7.48 -2.45 -22.55
CA ILE A 391 -7.00 -3.62 -23.30
C ILE A 391 -6.81 -4.80 -22.37
N LEU A 392 -6.10 -4.59 -21.26
CA LEU A 392 -5.84 -5.69 -20.34
C LEU A 392 -7.15 -6.28 -19.84
N ASP A 393 -8.02 -5.43 -19.31
CA ASP A 393 -9.27 -5.91 -18.71
C ASP A 393 -10.12 -6.64 -19.74
N THR A 394 -10.29 -6.03 -20.93
CA THR A 394 -11.19 -6.60 -21.93
C THR A 394 -10.67 -7.92 -22.48
N THR A 395 -9.41 -7.98 -22.89
CA THR A 395 -8.90 -9.22 -23.45
C THR A 395 -8.86 -10.33 -22.40
N GLY A 396 -8.51 -10.00 -21.16
CA GLY A 396 -8.55 -11.03 -20.12
C GLY A 396 -9.95 -11.55 -19.89
N THR A 397 -10.92 -10.63 -19.73
CA THR A 397 -12.26 -11.02 -19.33
C THR A 397 -12.99 -11.74 -20.44
N LEU A 398 -12.86 -11.28 -21.69
CA LEU A 398 -13.55 -11.97 -22.78
C LEU A 398 -13.10 -13.41 -22.92
N TYR A 399 -11.80 -13.66 -22.84
CA TYR A 399 -11.32 -15.03 -23.00
C TYR A 399 -11.63 -15.87 -21.77
N SER A 400 -11.60 -15.28 -20.57
CA SER A 400 -12.05 -16.02 -19.39
C SER A 400 -13.52 -16.42 -19.53
N MET A 401 -14.37 -15.50 -20.01
CA MET A 401 -15.79 -15.80 -20.20
C MET A 401 -15.97 -16.89 -21.24
N ALA A 402 -15.23 -16.79 -22.36
CA ALA A 402 -15.36 -17.77 -23.43
C ALA A 402 -14.94 -19.16 -22.96
N ARG A 403 -13.89 -19.23 -22.15
CA ARG A 403 -13.53 -20.50 -21.53
C ARG A 403 -14.62 -20.98 -20.59
N PHE A 404 -15.25 -20.07 -19.84
CA PHE A 404 -16.35 -20.46 -18.96
C PHE A 404 -17.51 -21.02 -19.75
N ALA A 405 -17.88 -20.36 -20.85
CA ALA A 405 -19.04 -20.76 -21.64
C ALA A 405 -18.74 -21.85 -22.65
N GLY A 406 -17.49 -22.31 -22.74
CA GLY A 406 -17.15 -23.34 -23.70
C GLY A 406 -17.23 -22.90 -25.15
N PHE A 407 -17.13 -21.59 -25.39
CA PHE A 407 -17.15 -21.06 -26.75
C PHE A 407 -15.78 -21.09 -27.41
N VAL A 408 -14.72 -21.38 -26.66
CA VAL A 408 -13.37 -21.40 -27.20
C VAL A 408 -13.18 -22.68 -28.00
N ASP A 409 -12.78 -22.53 -29.26
CA ASP A 409 -12.48 -23.66 -30.12
C ASP A 409 -11.00 -24.01 -29.98
N GLU A 410 -10.51 -24.91 -30.84
CA GLU A 410 -9.08 -25.23 -30.82
C GLU A 410 -8.24 -24.03 -31.21
N LYS A 411 -8.73 -23.21 -32.14
CA LYS A 411 -8.02 -22.00 -32.54
C LYS A 411 -7.94 -20.97 -31.42
N GLY A 412 -8.79 -21.08 -30.41
CA GLY A 412 -8.77 -20.16 -29.30
C GLY A 412 -9.72 -18.98 -29.39
N ASP A 413 -10.56 -18.94 -30.42
CA ASP A 413 -11.51 -17.86 -30.61
C ASP A 413 -12.90 -18.32 -30.17
N PHE A 414 -13.82 -17.36 -30.05
CA PHE A 414 -15.19 -17.68 -29.66
C PHE A 414 -16.17 -17.01 -30.62
N ALA A 415 -15.88 -17.12 -31.92
CA ALA A 415 -16.82 -16.77 -32.99
C ALA A 415 -17.19 -15.29 -32.96
N GLY A 416 -17.95 -14.88 -31.96
CA GLY A 416 -18.46 -13.53 -31.88
C GLY A 416 -17.52 -12.55 -31.20
N GLN A 417 -16.22 -12.89 -31.16
CA GLN A 417 -15.27 -12.00 -30.51
C GLN A 417 -15.17 -10.66 -31.22
N TYR A 418 -15.24 -10.67 -32.55
CA TYR A 418 -15.11 -9.43 -33.32
C TYR A 418 -16.22 -8.45 -32.94
N PHE A 419 -17.46 -8.92 -32.98
CA PHE A 419 -18.58 -8.09 -32.57
C PHE A 419 -18.57 -7.79 -31.08
N ALA A 420 -18.00 -8.68 -30.26
CA ALA A 420 -17.88 -8.38 -28.84
C ALA A 420 -16.96 -7.18 -28.61
N PHE A 421 -15.83 -7.14 -29.31
CA PHE A 421 -14.91 -6.02 -29.16
C PHE A 421 -15.52 -4.74 -29.71
N MET A 422 -16.21 -4.83 -30.86
CA MET A 422 -16.86 -3.62 -31.37
C MET A 422 -17.98 -3.16 -30.45
N SER A 423 -18.70 -4.08 -29.83
CA SER A 423 -19.72 -3.70 -28.86
C SER A 423 -19.09 -2.99 -27.67
N ASP A 424 -17.98 -3.51 -27.16
CA ASP A 424 -17.32 -2.87 -26.03
C ASP A 424 -16.84 -1.47 -26.39
N ALA A 425 -16.25 -1.31 -27.58
CA ALA A 425 -15.78 0.01 -27.99
C ALA A 425 -16.93 0.98 -28.18
N SER A 426 -18.02 0.55 -28.82
CA SER A 426 -19.17 1.42 -29.00
C SER A 426 -19.78 1.81 -27.67
N ALA A 427 -19.83 0.87 -26.73
CA ALA A 427 -20.35 1.17 -25.41
C ALA A 427 -19.46 2.16 -24.68
N ILE A 428 -18.15 2.07 -24.87
CA ILE A 428 -17.23 3.04 -24.29
C ILE A 428 -17.50 4.43 -24.86
N VAL A 429 -17.70 4.51 -26.18
CA VAL A 429 -17.99 5.80 -26.82
C VAL A 429 -19.29 6.38 -26.27
N ILE A 430 -20.33 5.55 -26.16
CA ILE A 430 -21.62 6.03 -25.67
C ILE A 430 -21.52 6.46 -24.22
N GLY A 431 -20.79 5.71 -23.40
CA GLY A 431 -20.59 6.11 -22.02
C GLY A 431 -19.86 7.43 -21.90
N SER A 432 -18.85 7.64 -22.75
CA SER A 432 -18.17 8.94 -22.76
C SER A 432 -19.13 10.06 -23.13
N LEU A 433 -19.98 9.82 -24.13
CA LEU A 433 -20.96 10.83 -24.52
C LEU A 433 -21.93 11.13 -23.40
N LEU A 434 -22.38 10.09 -22.68
CA LEU A 434 -23.23 10.30 -21.51
C LEU A 434 -22.45 10.85 -20.33
N GLY A 435 -21.14 10.66 -20.28
CA GLY A 435 -20.32 11.26 -19.26
C GLY A 435 -19.89 10.33 -18.14
N THR A 436 -19.46 9.12 -18.47
CA THR A 436 -18.97 8.18 -17.48
C THR A 436 -17.60 7.65 -17.91
N SER A 437 -16.96 6.94 -17.00
CA SER A 437 -15.71 6.28 -17.29
C SER A 437 -15.95 5.15 -18.29
N PRO A 438 -14.90 4.68 -18.96
CA PRO A 438 -15.08 3.62 -19.96
C PRO A 438 -15.75 2.40 -19.36
N VAL A 439 -16.58 1.75 -20.16
CA VAL A 439 -17.38 0.62 -19.70
C VAL A 439 -16.78 -0.68 -20.25
N TYR A 440 -16.83 -1.73 -19.43
CA TYR A 440 -16.21 -3.01 -19.70
C TYR A 440 -17.28 -4.07 -19.73
N VAL A 441 -16.90 -5.26 -20.17
CA VAL A 441 -17.56 -6.48 -19.74
C VAL A 441 -16.95 -6.85 -18.39
N PHE A 442 -17.80 -7.22 -17.44
CA PHE A 442 -17.29 -7.55 -16.11
C PHE A 442 -17.00 -9.03 -15.96
N ILE A 443 -16.12 -9.34 -15.00
CA ILE A 443 -15.84 -10.71 -14.63
C ILE A 443 -17.06 -11.35 -13.99
N GLU A 444 -17.90 -10.57 -13.29
CA GLU A 444 -19.10 -11.14 -12.69
C GLU A 444 -20.08 -11.63 -13.73
N SER A 445 -19.89 -11.28 -15.00
CA SER A 445 -20.69 -11.88 -16.07
C SER A 445 -20.58 -13.40 -16.04
N SER A 446 -19.43 -13.91 -15.58
CA SER A 446 -19.27 -15.36 -15.44
C SER A 446 -20.38 -15.97 -14.62
N THR A 447 -20.89 -15.25 -13.62
CA THR A 447 -21.98 -15.76 -12.81
C THR A 447 -23.16 -16.16 -13.69
N GLY A 448 -23.56 -15.28 -14.61
CA GLY A 448 -24.61 -15.63 -15.55
C GLY A 448 -24.24 -16.84 -16.37
N ILE A 449 -22.98 -16.91 -16.81
CA ILE A 449 -22.51 -18.07 -17.56
C ILE A 449 -22.56 -19.33 -16.68
N ARG A 450 -22.30 -19.17 -15.39
CA ARG A 450 -22.44 -20.33 -14.50
C ARG A 450 -23.89 -20.76 -14.37
N GLU A 451 -24.82 -19.84 -14.56
CA GLU A 451 -26.23 -20.13 -14.37
C GLU A 451 -26.88 -20.70 -15.62
N GLY A 452 -26.13 -20.88 -16.70
CA GLY A 452 -26.67 -21.38 -17.95
C GLY A 452 -26.85 -20.31 -19.02
N GLY A 453 -26.49 -19.06 -18.77
CA GLY A 453 -26.61 -18.04 -19.77
C GLY A 453 -25.66 -18.29 -20.93
N ARG A 454 -26.20 -18.39 -22.14
CA ARG A 454 -25.38 -18.64 -23.32
C ARG A 454 -25.59 -17.66 -24.45
N THR A 455 -26.75 -17.03 -24.57
CA THR A 455 -27.05 -16.13 -25.66
C THR A 455 -27.05 -14.69 -25.16
N GLY A 456 -27.27 -13.76 -26.09
CA GLY A 456 -27.32 -12.36 -25.74
C GLY A 456 -28.53 -11.95 -24.93
N LEU A 457 -29.48 -12.87 -24.75
CA LEU A 457 -30.67 -12.56 -23.95
C LEU A 457 -30.31 -12.30 -22.49
N THR A 458 -29.21 -12.88 -22.01
CA THR A 458 -28.75 -12.56 -20.67
C THR A 458 -28.36 -11.09 -20.56
N ALA A 459 -27.67 -10.57 -21.58
CA ALA A 459 -27.34 -9.15 -21.59
C ALA A 459 -28.59 -8.30 -21.64
N ILE A 460 -29.60 -8.72 -22.42
CA ILE A 460 -30.86 -7.98 -22.47
C ILE A 460 -31.54 -7.98 -21.11
N THR A 461 -31.51 -9.11 -20.40
CA THR A 461 -32.10 -9.17 -19.07
C THR A 461 -31.37 -8.27 -18.09
N VAL A 462 -30.04 -8.25 -18.16
CA VAL A 462 -29.28 -7.34 -17.29
C VAL A 462 -29.60 -5.90 -17.63
N ALA A 463 -29.79 -5.61 -18.92
CA ALA A 463 -30.17 -4.26 -19.33
C ALA A 463 -31.54 -3.88 -18.80
N VAL A 464 -32.49 -4.81 -18.81
CA VAL A 464 -33.82 -4.55 -18.25
C VAL A 464 -33.73 -4.30 -16.76
N TYR A 465 -32.90 -5.08 -16.06
CA TYR A 465 -32.71 -4.86 -14.63
C TYR A 465 -32.10 -3.50 -14.37
N PHE A 466 -31.16 -3.07 -15.20
CA PHE A 466 -30.58 -1.74 -15.07
C PHE A 466 -31.63 -0.66 -15.33
N LEU A 467 -32.52 -0.89 -16.31
CA LEU A 467 -33.60 0.05 -16.56
C LEU A 467 -34.48 0.19 -15.34
N LEU A 468 -34.83 -0.92 -14.71
CA LEU A 468 -35.56 -0.87 -13.44
C LEU A 468 -34.73 -0.27 -12.33
N ALA A 469 -33.40 -0.25 -12.46
CA ALA A 469 -32.57 0.41 -11.46
C ALA A 469 -32.64 1.93 -11.61
N MET A 470 -33.05 2.43 -12.77
CA MET A 470 -33.50 3.81 -12.87
C MET A 470 -34.82 3.94 -12.12
N PHE A 471 -35.36 5.15 -12.03
CA PHE A 471 -36.54 5.41 -11.22
C PHE A 471 -36.24 5.08 -9.76
N PHE A 472 -34.97 4.92 -9.43
CA PHE A 472 -34.51 4.67 -8.07
C PHE A 472 -33.25 5.48 -7.79
N THR A 473 -33.06 6.57 -8.55
CA THR A 473 -31.99 7.50 -8.25
C THR A 473 -32.05 8.04 -6.82
N PRO A 474 -33.21 8.40 -6.25
CA PRO A 474 -33.21 8.86 -4.85
C PRO A 474 -32.66 7.84 -3.89
N LEU A 475 -32.94 6.56 -4.10
CA LEU A 475 -32.39 5.53 -3.22
C LEU A 475 -30.91 5.29 -3.47
N LEU A 476 -30.42 5.60 -4.67
CA LEU A 476 -29.02 5.41 -4.99
C LEU A 476 -28.16 6.63 -4.69
N ALA A 477 -28.75 7.82 -4.65
CA ALA A 477 -28.00 9.01 -4.28
C ALA A 477 -27.89 9.20 -2.78
N SER A 478 -28.52 8.33 -1.99
CA SER A 478 -28.50 8.41 -0.53
C SER A 478 -27.56 7.39 0.09
N ILE A 479 -26.62 6.86 -0.69
CA ILE A 479 -25.70 5.83 -0.23
C ILE A 479 -24.45 6.51 0.32
N PRO A 480 -24.15 6.39 1.60
CA PRO A 480 -23.04 7.14 2.18
C PRO A 480 -21.69 6.53 1.82
N ALA A 481 -20.63 7.25 2.19
CA ALA A 481 -19.27 6.82 1.88
C ALA A 481 -18.93 5.52 2.58
N TRP A 482 -19.33 5.37 3.84
CA TRP A 482 -19.03 4.14 4.56
C TRP A 482 -19.85 2.96 4.08
N ALA A 483 -20.85 3.19 3.23
CA ALA A 483 -21.52 2.11 2.54
C ALA A 483 -20.79 1.71 1.26
N VAL A 484 -20.23 2.69 0.55
CA VAL A 484 -19.40 2.39 -0.62
C VAL A 484 -18.18 1.60 -0.18
N GLY A 485 -17.34 2.20 0.66
CA GLY A 485 -16.64 1.50 1.71
C GLY A 485 -16.18 0.08 1.43
N PRO A 486 -16.73 -0.85 2.21
CA PRO A 486 -16.23 -2.24 2.23
C PRO A 486 -16.34 -2.94 0.88
N PRO A 487 -17.34 -2.62 0.04
CA PRO A 487 -17.29 -3.15 -1.32
C PRO A 487 -15.99 -2.89 -2.04
N LEU A 488 -15.40 -1.71 -1.88
CA LEU A 488 -14.11 -1.44 -2.52
C LEU A 488 -13.02 -2.34 -1.95
N ILE A 489 -12.99 -2.53 -0.63
CA ILE A 489 -11.97 -3.36 -0.02
C ILE A 489 -12.09 -4.80 -0.52
N LEU A 490 -13.32 -5.32 -0.58
CA LEU A 490 -13.50 -6.70 -1.03
C LEU A 490 -13.32 -6.86 -2.53
N VAL A 491 -13.63 -5.82 -3.31
CA VAL A 491 -13.29 -5.86 -4.73
C VAL A 491 -11.78 -5.92 -4.90
N GLY A 492 -11.04 -5.17 -4.09
CA GLY A 492 -9.59 -5.30 -4.10
C GLY A 492 -9.13 -6.68 -3.71
N VAL A 493 -9.79 -7.28 -2.71
CA VAL A 493 -9.45 -8.65 -2.31
C VAL A 493 -9.63 -9.60 -3.47
N MET A 494 -10.76 -9.47 -4.19
CA MET A 494 -11.00 -10.35 -5.33
C MET A 494 -10.02 -10.10 -6.47
N MET A 495 -9.65 -8.84 -6.70
CA MET A 495 -8.68 -8.54 -7.74
C MET A 495 -7.28 -9.03 -7.39
N MET A 496 -6.99 -9.19 -6.10
CA MET A 496 -5.66 -9.56 -5.64
C MET A 496 -5.24 -10.97 -6.07
N LYS A 497 -6.19 -11.81 -6.49
CA LYS A 497 -5.87 -13.22 -6.73
C LYS A 497 -4.90 -13.42 -7.90
N SER A 498 -4.65 -12.40 -8.71
CA SER A 498 -3.74 -12.55 -9.84
C SER A 498 -2.28 -12.72 -9.41
N VAL A 499 -1.96 -12.45 -8.14
CA VAL A 499 -0.56 -12.50 -7.72
C VAL A 499 0.00 -13.91 -7.81
N THR A 500 -0.87 -14.92 -7.88
CA THR A 500 -0.44 -16.31 -7.84
C THR A 500 0.41 -16.71 -9.04
N GLU A 501 0.12 -16.19 -10.23
CA GLU A 501 0.88 -16.56 -11.41
C GLU A 501 2.01 -15.60 -11.73
N ILE A 502 2.52 -14.86 -10.74
CA ILE A 502 3.75 -14.09 -10.89
C ILE A 502 4.89 -14.90 -10.30
N ASP A 503 5.96 -15.08 -11.09
CA ASP A 503 7.13 -15.83 -10.64
C ASP A 503 7.94 -14.93 -9.71
N TRP A 504 7.59 -14.96 -8.43
CA TRP A 504 8.27 -14.12 -7.46
C TRP A 504 9.71 -14.58 -7.20
N GLU A 505 10.07 -15.78 -7.64
CA GLU A 505 11.46 -16.21 -7.53
C GLU A 505 12.33 -15.49 -8.55
N ASP A 506 11.76 -15.13 -9.71
CA ASP A 506 12.50 -14.44 -10.76
C ASP A 506 12.43 -12.94 -10.52
N MET A 507 13.59 -12.32 -10.27
CA MET A 507 13.60 -10.88 -10.00
C MET A 507 13.22 -10.06 -11.23
N ARG A 508 13.54 -10.53 -12.44
CA ARG A 508 13.13 -9.81 -13.63
C ARG A 508 11.61 -9.74 -13.76
N GLU A 509 10.89 -10.62 -13.08
CA GLU A 509 9.44 -10.58 -13.04
C GLU A 509 8.88 -10.14 -11.71
N ALA A 510 9.59 -10.41 -10.61
CA ALA A 510 9.12 -9.99 -9.30
C ALA A 510 9.29 -8.50 -9.09
N ILE A 511 10.37 -7.91 -9.60
CA ILE A 511 10.61 -6.49 -9.37
C ILE A 511 9.63 -5.61 -10.16
N PRO A 512 9.45 -5.77 -11.47
CA PRO A 512 8.43 -4.95 -12.15
C PRO A 512 7.03 -5.16 -11.61
N ALA A 513 6.68 -6.41 -11.29
CA ALA A 513 5.34 -6.69 -10.77
C ALA A 513 5.13 -6.03 -9.42
N PHE A 514 6.08 -6.17 -8.50
CA PHE A 514 5.99 -5.51 -7.22
C PHE A 514 5.93 -4.00 -7.37
N VAL A 515 6.75 -3.46 -8.27
CA VAL A 515 6.79 -2.01 -8.45
C VAL A 515 5.45 -1.48 -8.93
N THR A 516 4.87 -2.13 -9.94
CA THR A 516 3.55 -1.74 -10.42
C THR A 516 2.52 -1.83 -9.30
N MET A 517 2.51 -2.98 -8.63
CA MET A 517 1.50 -3.29 -7.61
C MET A 517 1.58 -2.33 -6.44
N ILE A 518 2.75 -1.82 -6.13
CA ILE A 518 2.89 -0.93 -4.99
C ILE A 518 2.77 0.53 -5.40
N LEU A 519 3.12 0.88 -6.64
CA LEU A 519 2.99 2.27 -7.04
C LEU A 519 1.55 2.66 -7.32
N MET A 520 0.70 1.74 -7.79
CA MET A 520 -0.68 2.14 -8.01
C MET A 520 -1.38 2.65 -6.75
N PRO A 521 -1.30 2.00 -5.59
CA PRO A 521 -1.93 2.58 -4.40
C PRO A 521 -1.11 3.67 -3.72
N LEU A 522 0.22 3.64 -3.88
CA LEU A 522 1.05 4.60 -3.16
C LEU A 522 1.17 5.92 -3.89
N THR A 523 1.43 5.89 -5.20
CA THR A 523 1.31 7.11 -5.98
C THR A 523 -0.13 7.52 -6.19
N TYR A 524 -1.07 6.66 -5.81
CA TYR A 524 -2.50 6.88 -6.00
C TYR A 524 -2.83 7.07 -7.48
N SER A 525 -2.14 6.32 -8.34
CA SER A 525 -2.31 6.53 -9.77
C SER A 525 -2.05 5.23 -10.50
N VAL A 526 -3.03 4.77 -11.28
CA VAL A 526 -2.81 3.61 -12.12
C VAL A 526 -1.78 3.94 -13.20
N ALA A 527 -1.82 5.16 -13.72
CA ALA A 527 -0.88 5.57 -14.76
C ALA A 527 0.55 5.54 -14.25
N TYR A 528 0.79 6.07 -13.06
CA TYR A 528 2.15 6.08 -12.50
C TYR A 528 2.63 4.68 -12.20
N GLY A 529 1.75 3.83 -11.66
CA GLY A 529 2.14 2.45 -11.42
C GLY A 529 2.50 1.72 -12.71
N LEU A 530 1.68 1.89 -13.75
CA LEU A 530 1.99 1.24 -15.02
C LEU A 530 3.29 1.77 -15.62
N ILE A 531 3.50 3.09 -15.56
CA ILE A 531 4.72 3.67 -16.11
C ILE A 531 5.93 3.15 -15.36
N GLY A 532 5.86 3.12 -14.03
CA GLY A 532 6.96 2.60 -13.25
C GLY A 532 7.25 1.14 -13.54
N GLY A 533 6.20 0.33 -13.65
CA GLY A 533 6.40 -1.08 -13.94
C GLY A 533 6.99 -1.33 -15.31
N ILE A 534 6.49 -0.61 -16.32
CA ILE A 534 7.00 -0.78 -17.68
C ILE A 534 8.45 -0.30 -17.74
N GLY A 535 8.76 0.81 -17.10
CA GLY A 535 10.13 1.28 -17.08
C GLY A 535 11.07 0.31 -16.38
N SER A 536 10.62 -0.24 -15.24
CA SER A 536 11.44 -1.22 -14.54
C SER A 536 11.65 -2.47 -15.38
N TYR A 537 10.60 -2.94 -16.06
CA TYR A 537 10.73 -4.10 -16.93
C TYR A 537 11.72 -3.85 -18.05
N VAL A 538 11.60 -2.69 -18.71
CA VAL A 538 12.49 -2.35 -19.82
C VAL A 538 13.92 -2.25 -19.34
N VAL A 539 14.14 -1.57 -18.21
CA VAL A 539 15.50 -1.42 -17.68
C VAL A 539 16.08 -2.77 -17.31
N LEU A 540 15.30 -3.62 -16.64
CA LEU A 540 15.83 -4.89 -16.19
C LEU A 540 16.06 -5.86 -17.33
N HIS A 541 15.37 -5.68 -18.45
CA HIS A 541 15.57 -6.55 -19.60
C HIS A 541 16.46 -5.93 -20.68
N LEU A 542 16.96 -4.71 -20.46
CA LEU A 542 17.86 -4.10 -21.42
C LEU A 542 19.11 -4.93 -21.64
N TRP A 543 19.69 -5.46 -20.56
CA TRP A 543 20.91 -6.27 -20.69
C TRP A 543 20.64 -7.51 -21.53
N ASP A 544 19.54 -8.20 -21.26
CA ASP A 544 19.21 -9.41 -22.01
C ASP A 544 18.93 -9.09 -23.47
N TRP A 545 18.22 -7.99 -23.73
CA TRP A 545 17.91 -7.62 -25.11
C TRP A 545 19.18 -7.24 -25.87
N GLY A 546 20.10 -6.53 -25.22
CA GLY A 546 21.37 -6.24 -25.86
C GLY A 546 22.19 -7.48 -26.14
N GLU A 547 22.20 -8.41 -25.19
CA GLU A 547 22.91 -9.67 -25.41
C GLU A 547 22.31 -10.43 -26.59
N GLU A 548 20.99 -10.51 -26.66
CA GLU A 548 20.36 -11.21 -27.77
C GLU A 548 20.59 -10.50 -29.09
N GLY A 549 20.59 -9.16 -29.09
CA GLY A 549 20.90 -8.43 -30.31
C GLY A 549 22.31 -8.67 -30.79
N LEU A 550 23.27 -8.72 -29.87
CA LEU A 550 24.65 -9.02 -30.24
C LEU A 550 24.78 -10.46 -30.74
N VAL A 551 24.03 -11.38 -30.14
CA VAL A 551 24.05 -12.77 -30.61
C VAL A 551 23.50 -12.86 -32.03
N LYS A 552 22.38 -12.18 -32.30
CA LYS A 552 21.82 -12.19 -33.64
C LYS A 552 22.79 -11.54 -34.63
N LEU A 553 23.41 -10.43 -34.24
CA LEU A 553 24.41 -9.81 -35.09
C LEU A 553 25.65 -10.69 -35.23
N GLY A 554 26.04 -11.40 -34.18
CA GLY A 554 27.13 -12.35 -34.24
C GLY A 554 28.36 -12.02 -33.42
N PHE A 555 28.37 -10.91 -32.68
CA PHE A 555 29.52 -10.62 -31.83
C PHE A 555 29.67 -11.63 -30.70
N LEU A 556 28.61 -12.33 -30.32
CA LEU A 556 28.65 -13.30 -29.24
C LEU A 556 28.16 -14.65 -29.75
N LYS A 557 28.46 -15.68 -28.96
CA LYS A 557 28.04 -17.04 -29.30
C LYS A 557 27.03 -17.57 -28.29
N PRO B 18 50.68 -31.93 -0.65
CA PRO B 18 49.87 -31.44 -1.76
C PRO B 18 49.92 -29.92 -1.89
N LYS B 19 48.87 -29.24 -1.43
CA LYS B 19 48.79 -27.79 -1.47
C LYS B 19 48.71 -27.26 -0.05
N LEU B 20 49.18 -26.03 0.14
CA LEU B 20 49.08 -25.39 1.44
C LEU B 20 47.63 -25.24 1.88
N LEU B 21 46.72 -25.00 0.92
CA LEU B 21 45.32 -24.86 1.26
C LEU B 21 44.75 -26.16 1.83
N ASN B 22 45.10 -27.30 1.22
CA ASN B 22 44.63 -28.59 1.73
C ASN B 22 45.29 -28.95 3.05
N ARG B 23 46.56 -28.55 3.23
CA ARG B 23 47.23 -28.82 4.50
C ARG B 23 46.54 -28.11 5.66
N LEU B 24 46.06 -26.88 5.43
CA LEU B 24 45.32 -26.18 6.46
C LEU B 24 44.01 -26.89 6.78
N ASN B 25 43.30 -27.37 5.77
CA ASN B 25 42.02 -28.03 5.99
C ASN B 25 42.19 -29.31 6.80
N THR B 26 43.23 -30.10 6.48
CA THR B 26 43.41 -31.36 7.17
C THR B 26 43.91 -31.17 8.60
N TYR B 27 44.67 -30.09 8.84
CA TYR B 27 45.21 -29.88 10.18
C TYR B 27 44.10 -29.52 11.17
N VAL B 28 43.24 -28.57 10.81
CA VAL B 28 42.19 -28.15 11.73
C VAL B 28 41.14 -29.24 11.89
N GLY B 29 40.85 -29.97 10.82
CA GLY B 29 39.82 -30.99 10.90
C GLY B 29 40.16 -32.10 11.87
N SER B 30 41.44 -32.43 11.99
CA SER B 30 41.90 -33.42 12.96
C SER B 30 42.26 -32.81 14.30
N SER B 31 42.11 -31.50 14.46
CA SER B 31 42.46 -30.84 15.70
C SER B 31 41.28 -30.84 16.67
N ARG B 32 41.52 -30.30 17.86
CA ARG B 32 40.48 -30.23 18.89
C ARG B 32 39.35 -29.31 18.46
N VAL B 33 39.68 -28.19 17.82
CA VAL B 33 38.66 -27.25 17.36
C VAL B 33 37.79 -27.89 16.29
N GLY B 34 38.42 -28.57 15.32
CA GLY B 34 37.66 -29.22 14.27
C GLY B 34 36.75 -30.30 14.80
N LYS B 35 37.24 -31.09 15.75
CA LYS B 35 36.42 -32.14 16.35
C LYS B 35 35.27 -31.55 17.16
N ARG B 36 35.52 -30.45 17.86
CA ARG B 36 34.45 -29.82 18.64
C ARG B 36 33.37 -29.26 17.74
N PHE B 37 33.76 -28.68 16.61
CA PHE B 37 32.79 -28.16 15.64
C PHE B 37 32.25 -29.25 14.72
N LYS B 38 32.78 -30.47 14.82
CA LYS B 38 32.32 -31.59 14.01
C LYS B 38 32.44 -31.31 12.52
N LEU B 39 33.60 -30.78 12.11
CA LEU B 39 33.84 -30.57 10.68
C LEU B 39 33.86 -31.89 9.93
N ALA B 40 34.51 -32.91 10.48
CA ALA B 40 34.60 -34.20 9.80
C ALA B 40 33.24 -34.86 9.65
N GLU B 41 32.42 -34.83 10.71
CA GLU B 41 31.11 -35.47 10.68
C GLU B 41 30.11 -34.74 9.81
N ARG B 42 30.39 -33.50 9.40
CA ARG B 42 29.52 -32.75 8.51
C ARG B 42 30.15 -32.52 7.14
N ASN B 43 31.32 -33.11 6.89
CA ASN B 43 31.95 -33.12 5.58
C ASN B 43 32.37 -31.73 5.10
N SER B 44 32.25 -30.73 5.98
CA SER B 44 32.66 -29.38 5.62
C SER B 44 34.08 -29.10 6.11
N THR B 45 34.90 -28.53 5.24
CA THR B 45 36.27 -28.20 5.58
C THR B 45 36.36 -26.78 6.14
N PHE B 46 37.54 -26.42 6.63
CA PHE B 46 37.75 -25.10 7.22
C PHE B 46 37.50 -24.00 6.22
N THR B 47 38.08 -24.12 5.02
CA THR B 47 37.89 -23.07 4.01
C THR B 47 36.47 -23.04 3.49
N THR B 48 35.77 -24.17 3.54
CA THR B 48 34.36 -24.18 3.17
C THR B 48 33.54 -23.30 4.10
N GLU B 49 33.80 -23.38 5.40
CA GLU B 49 33.09 -22.53 6.35
C GLU B 49 33.47 -21.06 6.15
N LEU B 50 34.74 -20.79 5.87
CA LEU B 50 35.17 -19.42 5.64
C LEU B 50 34.50 -18.83 4.41
N ARG B 51 34.44 -19.60 3.31
CA ARG B 51 33.71 -19.14 2.14
C ARG B 51 32.23 -19.00 2.43
N ALA B 52 31.66 -19.95 3.17
CA ALA B 52 30.26 -19.85 3.56
C ALA B 52 30.02 -18.63 4.44
N GLY B 53 30.90 -18.39 5.40
CA GLY B 53 30.76 -17.21 6.24
C GLY B 53 30.87 -15.92 5.46
N THR B 54 31.77 -15.88 4.48
CA THR B 54 31.90 -14.70 3.63
C THR B 54 30.64 -14.48 2.81
N ALA B 55 30.10 -15.56 2.22
CA ALA B 55 28.89 -15.43 1.43
C ALA B 55 27.70 -15.02 2.28
N THR B 56 27.60 -15.58 3.49
CA THR B 56 26.53 -15.17 4.39
C THR B 56 26.65 -13.71 4.78
N PHE B 57 27.88 -13.26 5.09
CA PHE B 57 28.07 -11.86 5.44
C PHE B 57 27.81 -10.95 4.26
N LEU B 58 28.27 -11.32 3.08
CA LEU B 58 28.05 -10.50 1.89
C LEU B 58 26.56 -10.38 1.57
N THR B 59 25.81 -11.45 1.78
CA THR B 59 24.39 -11.42 1.43
C THR B 59 23.58 -10.65 2.47
N MET B 60 24.12 -10.49 3.69
CA MET B 60 23.39 -9.85 4.78
C MET B 60 24.02 -8.54 5.24
N ALA B 61 25.09 -8.08 4.60
CA ALA B 61 25.82 -6.91 5.09
C ALA B 61 25.04 -5.61 4.93
N TYR B 62 23.92 -5.62 4.21
CA TYR B 62 23.16 -4.38 4.03
C TYR B 62 22.52 -3.90 5.32
N ILE B 63 22.48 -4.73 6.36
CA ILE B 63 21.97 -4.28 7.64
C ILE B 63 22.85 -3.18 8.22
N LEU B 64 24.16 -3.26 7.98
CA LEU B 64 25.07 -2.25 8.51
C LEU B 64 24.68 -0.85 8.03
N ALA B 65 24.01 -0.77 6.89
CA ALA B 65 23.48 0.49 6.38
C ALA B 65 22.03 0.71 6.81
N VAL B 66 21.16 -0.26 6.54
CA VAL B 66 19.73 -0.08 6.74
C VAL B 66 19.40 -0.05 8.23
N ASN B 67 19.96 -0.99 9.00
CA ASN B 67 19.53 -1.18 10.38
C ASN B 67 19.81 0.04 11.24
N ALA B 68 21.05 0.53 11.22
CA ALA B 68 21.41 1.66 12.07
C ALA B 68 20.66 2.91 11.67
N SER B 69 20.43 3.10 10.37
CA SER B 69 19.69 4.27 9.91
C SER B 69 18.26 4.25 10.43
N ILE B 70 17.61 3.09 10.40
CA ILE B 70 16.20 3.02 10.77
C ILE B 70 16.04 3.27 12.27
N LEU B 71 16.85 2.59 13.10
CA LEU B 71 16.79 2.83 14.54
C LEU B 71 17.20 4.24 14.91
N SER B 72 18.04 4.89 14.10
CA SER B 72 18.43 6.26 14.38
C SER B 72 17.23 7.19 14.30
N ASP B 73 16.35 6.97 13.32
CA ASP B 73 15.15 7.79 13.19
C ASP B 73 14.24 7.70 14.40
N SER B 74 14.38 6.63 15.19
CA SER B 74 13.60 6.50 16.42
C SER B 74 13.95 7.57 17.44
N GLY B 75 15.06 8.26 17.26
CA GLY B 75 15.49 9.30 18.17
C GLY B 75 16.44 8.84 19.26
N GLY B 76 16.60 7.54 19.45
CA GLY B 76 17.49 7.05 20.47
C GLY B 76 16.94 7.34 21.86
N THR B 77 17.87 7.54 22.80
CA THR B 77 17.49 7.66 24.20
C THR B 77 17.20 9.09 24.64
N CYS B 78 17.61 10.11 23.90
CA CYS B 78 17.51 11.46 24.43
C CYS B 78 16.14 12.06 24.15
N SER B 79 15.86 13.17 24.84
CA SER B 79 14.55 13.79 24.82
C SER B 79 14.67 15.30 24.66
N VAL B 80 13.59 16.03 24.95
CA VAL B 80 13.60 17.48 24.84
C VAL B 80 14.65 18.10 25.75
N SER B 81 15.15 17.34 26.73
CA SER B 81 16.17 17.87 27.62
C SER B 81 17.47 18.19 26.90
N ASP B 82 17.74 17.52 25.77
CA ASP B 82 18.97 17.78 25.04
C ASP B 82 18.81 18.77 23.89
N CYS B 83 17.59 19.19 23.58
CA CYS B 83 17.40 20.33 22.70
C CYS B 83 17.89 21.59 23.41
N ILE B 84 18.68 22.40 22.69
CA ILE B 84 19.26 23.60 23.28
C ILE B 84 18.30 24.77 23.08
N PRO B 85 18.28 25.74 23.98
CA PRO B 85 17.47 26.94 23.76
C PRO B 85 17.92 27.68 22.52
N LEU B 86 16.97 28.22 21.77
CA LEU B 86 17.23 28.90 20.52
C LEU B 86 16.89 30.37 20.65
N CYS B 87 17.67 31.21 19.97
CA CYS B 87 17.43 32.64 20.01
C CYS B 87 16.17 33.00 19.23
N SER B 88 15.70 34.22 19.45
CA SER B 88 14.47 34.66 18.77
C SER B 88 14.64 34.67 17.26
N ASN B 89 15.76 35.20 16.77
CA ASN B 89 15.97 35.17 15.34
C ASN B 89 17.09 34.21 14.96
N PRO B 90 16.99 33.56 13.80
CA PRO B 90 18.07 32.64 13.39
C PRO B 90 19.40 33.32 13.15
N ALA B 91 19.41 34.63 12.90
CA ALA B 91 20.62 35.33 12.48
C ALA B 91 21.61 35.53 13.62
N ILE B 92 21.23 35.26 14.87
CA ILE B 92 22.08 35.51 16.02
C ILE B 92 22.33 34.20 16.75
N GLU B 93 23.60 33.89 16.98
CA GLU B 93 23.96 32.69 17.72
C GLU B 93 23.48 32.80 19.17
N PRO B 94 23.04 31.70 19.78
CA PRO B 94 22.35 31.80 21.07
C PRO B 94 23.13 32.49 22.18
N SER B 95 24.47 32.40 22.20
CA SER B 95 25.22 33.08 23.24
C SER B 95 25.10 34.60 23.12
N GLN B 96 25.07 35.12 21.89
CA GLN B 96 24.91 36.55 21.65
C GLN B 96 23.45 36.98 21.61
N CYS B 97 22.54 36.20 22.19
CA CYS B 97 21.11 36.51 22.16
C CYS B 97 20.74 37.40 23.34
N THR B 98 21.31 38.61 23.35
CA THR B 98 21.05 39.61 24.37
C THR B 98 20.83 40.95 23.67
N GLY B 99 19.61 41.46 23.75
CA GLY B 99 19.27 42.73 23.14
C GLY B 99 17.81 43.08 23.32
N PRO B 100 17.40 44.23 22.79
CA PRO B 100 16.00 44.63 22.89
C PRO B 100 15.12 43.76 21.99
N GLY B 101 14.04 43.24 22.55
CA GLY B 101 13.14 42.37 21.81
C GLY B 101 13.75 41.04 21.43
N LEU B 102 14.85 40.65 22.05
CA LEU B 102 15.55 39.41 21.74
C LEU B 102 15.58 38.52 22.96
N ARG B 103 15.23 37.25 22.79
CA ARG B 103 15.12 36.32 23.90
C ARG B 103 15.42 34.92 23.40
N LEU B 104 15.77 34.04 24.35
CA LEU B 104 16.06 32.65 24.03
C LEU B 104 14.81 31.81 24.28
N ILE B 105 14.49 30.95 23.32
CA ILE B 105 13.25 30.17 23.35
C ILE B 105 13.52 28.83 24.01
N GLN B 106 12.84 28.55 25.11
CA GLN B 106 12.99 27.28 25.79
C GLN B 106 12.48 26.15 24.90
N PRO B 107 13.17 25.02 24.84
CA PRO B 107 12.72 23.92 23.97
C PRO B 107 11.42 23.31 24.47
N ASP B 108 10.63 22.82 23.53
CA ASP B 108 9.40 22.11 23.82
C ASP B 108 9.43 20.78 23.06
N VAL B 109 8.28 20.08 23.06
CA VAL B 109 8.20 18.81 22.36
C VAL B 109 8.44 19.00 20.87
N SER B 110 8.14 20.20 20.35
CA SER B 110 8.37 20.48 18.94
C SER B 110 9.85 20.57 18.59
N CYS B 111 10.75 20.61 19.58
CA CYS B 111 12.18 20.62 19.27
C CYS B 111 12.60 19.35 18.55
N LYS B 112 11.92 18.24 18.79
CA LYS B 112 12.32 16.98 18.19
C LYS B 112 11.97 16.89 16.71
N PHE B 113 10.92 17.58 16.29
CA PHE B 113 10.40 17.48 14.92
C PHE B 113 10.73 18.76 14.15
N ASN B 114 10.38 18.74 12.87
CA ASN B 114 10.75 19.83 11.97
C ASN B 114 10.16 21.15 12.45
N PRO B 115 10.97 22.19 12.62
CA PRO B 115 12.42 22.20 12.36
C PRO B 115 13.22 21.64 13.54
N VAL B 116 14.05 20.63 13.27
CA VAL B 116 14.70 19.89 14.34
C VAL B 116 15.68 20.80 15.06
N ASN B 117 15.63 20.78 16.39
CA ASN B 117 16.55 21.57 17.19
C ASN B 117 17.98 21.12 16.93
N PRO B 118 18.93 22.05 16.73
CA PRO B 118 20.32 21.62 16.53
C PRO B 118 20.86 20.78 17.67
N GLY B 119 20.42 21.04 18.90
CA GLY B 119 20.80 20.19 20.01
C GLY B 119 20.27 18.78 19.88
N TYR B 120 19.02 18.64 19.43
CA TYR B 120 18.45 17.31 19.25
C TYR B 120 19.07 16.62 18.05
N ALA B 121 19.39 17.37 16.99
CA ALA B 121 20.07 16.78 15.86
C ALA B 121 21.44 16.25 16.24
N ALA B 122 22.03 16.81 17.30
CA ALA B 122 23.31 16.29 17.79
C ALA B 122 23.15 14.89 18.37
N CYS B 123 22.00 14.60 18.99
CA CYS B 123 21.72 13.25 19.45
C CYS B 123 21.80 12.24 18.32
N VAL B 124 21.01 12.47 17.27
CA VAL B 124 20.76 11.41 16.29
C VAL B 124 22.08 11.00 15.63
N GLU B 125 22.96 11.96 15.38
CA GLU B 125 24.30 11.60 14.90
C GLU B 125 25.06 10.82 15.95
N GLU B 126 25.03 11.25 17.21
CA GLU B 126 25.70 10.50 18.26
C GLU B 126 25.00 9.18 18.52
N ILE B 127 23.66 9.16 18.49
CA ILE B 127 22.93 7.91 18.66
C ILE B 127 23.14 6.98 17.48
N ARG B 128 23.25 7.54 16.27
CA ARG B 128 23.50 6.68 15.11
C ARG B 128 24.82 5.95 15.26
N LYS B 129 25.86 6.64 15.75
CA LYS B 129 27.14 5.98 15.99
C LYS B 129 27.01 4.88 17.03
N ASP B 130 26.23 5.13 18.09
CA ASP B 130 25.98 4.08 19.08
C ASP B 130 25.23 2.92 18.46
N LEU B 131 24.21 3.22 17.64
CA LEU B 131 23.39 2.16 17.08
C LEU B 131 24.09 1.40 15.98
N ILE B 132 25.12 1.97 15.36
CA ILE B 132 25.95 1.21 14.44
C ILE B 132 26.72 0.13 15.20
N VAL B 133 27.34 0.52 16.32
CA VAL B 133 28.09 -0.43 17.13
C VAL B 133 27.15 -1.42 17.79
N ALA B 134 26.03 -0.93 18.31
CA ALA B 134 25.07 -1.80 18.97
C ALA B 134 24.49 -2.83 18.00
N THR B 135 24.20 -2.41 16.76
CA THR B 135 23.76 -3.35 15.74
C THR B 135 24.82 -4.40 15.47
N VAL B 136 26.08 -3.98 15.34
CA VAL B 136 27.15 -4.92 15.06
C VAL B 136 27.41 -5.81 16.27
N ALA B 137 27.46 -5.21 17.46
CA ALA B 137 27.73 -5.99 18.67
C ALA B 137 26.64 -7.01 18.94
N ALA B 138 25.38 -6.64 18.75
CA ALA B 138 24.29 -7.60 18.86
C ALA B 138 24.43 -8.69 17.79
N SER B 139 24.76 -8.29 16.57
CA SER B 139 24.98 -9.27 15.51
C SER B 139 26.20 -10.14 15.80
N LEU B 140 27.27 -9.53 16.29
CA LEU B 140 28.49 -10.29 16.60
C LEU B 140 28.24 -11.29 17.72
N ILE B 141 27.64 -10.83 18.82
CA ILE B 141 27.40 -11.71 19.95
C ILE B 141 26.40 -12.79 19.58
N GLY B 142 25.35 -12.43 18.83
CA GLY B 142 24.39 -13.41 18.40
C GLY B 142 24.99 -14.49 17.51
N CYS B 143 25.87 -14.08 16.60
CA CYS B 143 26.52 -15.06 15.73
C CYS B 143 27.46 -15.96 16.51
N VAL B 144 28.18 -15.39 17.49
CA VAL B 144 29.11 -16.20 18.28
C VAL B 144 28.36 -17.23 19.11
N ILE B 145 27.27 -16.82 19.76
CA ILE B 145 26.52 -17.75 20.61
C ILE B 145 25.93 -18.87 19.76
N MET B 146 25.37 -18.53 18.60
CA MET B 146 24.87 -19.54 17.69
C MET B 146 26.00 -20.42 17.16
N GLY B 147 27.15 -19.82 16.87
CA GLY B 147 28.27 -20.60 16.37
C GLY B 147 28.85 -21.56 17.39
N LEU B 148 28.86 -21.15 18.67
CA LEU B 148 29.48 -21.97 19.71
C LEU B 148 28.47 -22.87 20.42
N MET B 149 27.41 -22.28 20.97
CA MET B 149 26.48 -23.05 21.79
C MET B 149 25.61 -23.98 20.94
N ALA B 150 25.18 -23.53 19.77
CA ALA B 150 24.29 -24.32 18.93
C ALA B 150 25.01 -25.04 17.80
N ASN B 151 26.13 -24.51 17.34
CA ASN B 151 26.93 -25.11 16.27
C ASN B 151 26.11 -25.26 14.99
N LEU B 152 25.62 -24.14 14.50
CA LEU B 152 24.85 -24.09 13.26
C LEU B 152 25.30 -22.89 12.43
N PRO B 153 25.32 -23.02 11.10
CA PRO B 153 25.74 -21.94 10.22
C PRO B 153 24.68 -20.85 10.05
N LEU B 154 24.18 -20.34 11.17
CA LEU B 154 23.12 -19.34 11.19
C LEU B 154 23.69 -18.02 11.68
N ALA B 155 23.46 -16.96 10.91
CA ALA B 155 23.95 -15.63 11.25
C ALA B 155 22.80 -14.80 11.81
N LEU B 156 23.05 -14.17 12.97
CA LEU B 156 22.02 -13.47 13.71
C LEU B 156 22.24 -11.96 13.60
N ALA B 157 21.14 -11.24 13.40
CA ALA B 157 21.19 -9.78 13.30
C ALA B 157 19.78 -9.26 13.52
N PRO B 158 19.64 -7.99 13.92
CA PRO B 158 18.29 -7.45 14.15
C PRO B 158 17.45 -7.52 12.89
N GLY B 159 16.20 -7.96 13.06
CA GLY B 159 15.35 -8.22 11.92
C GLY B 159 14.99 -6.95 11.18
N MET B 160 14.74 -7.10 9.88
CA MET B 160 14.36 -5.95 9.05
C MET B 160 12.98 -5.42 9.42
N GLY B 161 12.00 -6.30 9.51
CA GLY B 161 10.64 -5.85 9.76
C GLY B 161 10.44 -5.31 11.16
N THR B 162 11.00 -5.99 12.16
CA THR B 162 10.86 -5.53 13.53
C THR B 162 11.63 -4.23 13.75
N ASN B 163 12.72 -4.04 13.00
CA ASN B 163 13.45 -2.78 13.05
C ASN B 163 12.53 -1.61 12.74
N ALA B 164 11.83 -1.68 11.62
CA ALA B 164 10.95 -0.59 11.22
C ALA B 164 9.78 -0.44 12.18
N TYR B 165 9.23 -1.57 12.65
CA TYR B 165 8.15 -1.50 13.62
C TYR B 165 8.62 -0.88 14.93
N PHE B 166 9.81 -1.27 15.40
CA PHE B 166 10.34 -0.71 16.64
C PHE B 166 10.59 0.79 16.50
N ALA B 167 11.15 1.21 15.37
CA ALA B 167 11.60 2.60 15.24
C ALA B 167 10.47 3.52 14.83
N TYR B 168 9.64 3.11 13.87
CA TYR B 168 8.66 3.99 13.26
C TYR B 168 7.26 3.85 13.85
N THR B 169 6.98 2.77 14.57
CA THR B 169 5.66 2.55 15.14
C THR B 169 5.68 2.54 16.67
N VAL B 170 6.54 1.74 17.29
CA VAL B 170 6.55 1.67 18.74
C VAL B 170 7.07 2.96 19.35
N VAL B 171 8.18 3.47 18.81
CA VAL B 171 8.78 4.69 19.33
C VAL B 171 8.45 5.85 18.40
N GLY B 172 8.35 5.57 17.11
CA GLY B 172 8.01 6.57 16.13
C GLY B 172 9.20 7.44 15.78
N PHE B 173 9.03 8.23 14.73
CA PHE B 173 10.09 9.10 14.25
C PHE B 173 10.38 10.18 15.30
N HIS B 174 11.62 10.21 15.79
CA HIS B 174 12.06 11.16 16.80
C HIS B 174 11.18 11.09 18.04
N GLY B 175 10.85 9.87 18.47
CA GLY B 175 10.10 9.67 19.70
C GLY B 175 8.71 10.24 19.70
N SER B 176 8.01 10.15 18.58
CA SER B 176 6.63 10.62 18.48
C SER B 176 5.62 9.54 18.81
N GLY B 177 6.06 8.31 19.06
CA GLY B 177 5.17 7.22 19.32
C GLY B 177 4.65 7.22 20.75
N SER B 178 3.90 6.17 21.08
CA SER B 178 3.28 6.05 22.38
C SER B 178 4.19 5.45 23.45
N ILE B 179 5.31 4.86 23.05
CA ILE B 179 6.23 4.20 23.97
C ILE B 179 7.61 4.79 23.76
N SER B 180 8.27 5.16 24.86
CA SER B 180 9.60 5.72 24.78
C SER B 180 10.60 4.65 24.33
N TYR B 181 11.76 5.10 23.87
CA TYR B 181 12.79 4.18 23.40
C TYR B 181 13.28 3.28 24.52
N ARG B 182 13.49 3.85 25.71
CA ARG B 182 13.94 3.03 26.83
C ARG B 182 12.90 1.98 27.21
N THR B 183 11.62 2.36 27.23
CA THR B 183 10.58 1.39 27.54
C THR B 183 10.45 0.36 26.43
N ALA B 184 10.60 0.77 25.17
CA ALA B 184 10.57 -0.19 24.08
C ALA B 184 11.72 -1.17 24.16
N LEU B 185 12.87 -0.72 24.68
CA LEU B 185 13.96 -1.64 24.95
C LEU B 185 13.59 -2.63 26.04
N ALA B 186 12.89 -2.17 27.07
CA ALA B 186 12.41 -3.07 28.11
C ALA B 186 11.43 -4.09 27.55
N ALA B 187 10.62 -3.68 26.57
CA ALA B 187 9.73 -4.62 25.91
C ALA B 187 10.52 -5.70 25.19
N VAL B 188 11.62 -5.33 24.54
CA VAL B 188 12.44 -6.32 23.84
C VAL B 188 13.13 -7.23 24.84
N PHE B 189 13.59 -6.67 25.98
CA PHE B 189 14.26 -7.48 26.99
C PHE B 189 13.31 -8.53 27.57
N ILE B 190 12.10 -8.10 27.96
CA ILE B 190 11.13 -9.06 28.46
C ILE B 190 10.70 -10.02 27.38
N GLU B 191 10.48 -9.52 26.16
CA GLU B 191 10.16 -10.38 25.03
C GLU B 191 11.28 -11.38 24.77
N GLY B 192 12.52 -10.99 25.02
CA GLY B 192 13.62 -11.94 24.96
C GLY B 192 13.56 -12.97 26.05
N LEU B 193 13.15 -12.56 27.25
CA LEU B 193 13.03 -13.50 28.36
C LEU B 193 11.92 -14.52 28.11
N ILE B 194 10.85 -14.09 27.45
CA ILE B 194 9.72 -14.98 27.21
C ILE B 194 10.14 -16.18 26.36
N PHE B 195 10.86 -15.93 25.25
CA PHE B 195 11.36 -17.05 24.46
C PHE B 195 12.35 -17.89 25.25
N LEU B 196 13.23 -17.25 26.01
CA LEU B 196 14.19 -18.02 26.81
C LEU B 196 13.46 -18.96 27.76
N PHE B 197 12.27 -18.57 28.23
CA PHE B 197 11.47 -19.45 29.05
C PHE B 197 10.79 -20.53 28.20
N ILE B 198 10.17 -20.14 27.09
CA ILE B 198 9.38 -21.10 26.33
C ILE B 198 10.24 -21.91 25.37
N SER B 199 11.51 -21.51 25.19
CA SER B 199 12.43 -22.35 24.44
C SER B 199 13.20 -23.30 25.34
N ALA B 200 13.42 -22.94 26.60
CA ALA B 200 14.00 -23.88 27.55
C ALA B 200 13.08 -25.08 27.75
N ILE B 201 11.78 -24.82 27.88
CA ILE B 201 10.81 -25.90 27.93
C ILE B 201 10.72 -26.65 26.61
N GLY B 202 10.81 -25.95 25.49
CA GLY B 202 10.70 -26.57 24.18
C GLY B 202 9.40 -26.31 23.45
N PHE B 203 8.66 -25.26 23.81
CA PHE B 203 7.35 -25.02 23.24
C PHE B 203 7.37 -24.08 22.03
N ARG B 204 8.52 -23.51 21.67
CA ARG B 204 8.53 -22.54 20.58
C ARG B 204 8.07 -23.18 19.27
N ALA B 205 8.31 -24.48 19.12
CA ALA B 205 7.71 -25.20 17.99
C ALA B 205 6.18 -25.21 18.11
N LYS B 206 5.68 -25.40 19.32
CA LYS B 206 4.22 -25.46 19.51
C LYS B 206 3.55 -24.12 19.28
N LEU B 207 4.19 -23.01 19.68
CA LEU B 207 3.56 -21.71 19.50
C LEU B 207 3.63 -21.23 18.06
N ALA B 208 4.21 -22.04 17.18
CA ALA B 208 4.25 -21.69 15.76
C ALA B 208 2.89 -21.94 15.11
N LYS B 209 1.97 -22.56 15.86
CA LYS B 209 0.64 -22.82 15.36
C LYS B 209 -0.42 -21.94 16.01
N LEU B 210 -0.04 -21.06 16.93
CA LEU B 210 -1.02 -20.19 17.58
C LEU B 210 -1.66 -19.25 16.58
N VAL B 211 -0.86 -18.70 15.67
CA VAL B 211 -1.34 -17.75 14.68
C VAL B 211 -2.11 -18.48 13.58
N PRO B 212 -3.09 -17.84 12.95
CA PRO B 212 -3.77 -18.45 11.80
C PRO B 212 -2.82 -18.59 10.62
N LYS B 213 -3.10 -19.57 9.77
CA LYS B 213 -2.26 -19.79 8.59
C LYS B 213 -2.24 -18.62 7.63
N PRO B 214 -3.38 -18.04 7.22
CA PRO B 214 -3.28 -16.87 6.32
C PRO B 214 -2.58 -15.68 6.95
N VAL B 215 -2.74 -15.48 8.26
CA VAL B 215 -2.08 -14.36 8.93
C VAL B 215 -0.58 -14.57 8.97
N ARG B 216 -0.14 -15.80 9.26
CA ARG B 216 1.29 -16.09 9.31
C ARG B 216 1.95 -15.88 7.96
N ILE B 217 1.31 -16.35 6.88
CA ILE B 217 1.92 -16.28 5.56
C ILE B 217 1.92 -14.85 5.04
N SER B 218 0.81 -14.13 5.19
CA SER B 218 0.70 -12.79 4.65
C SER B 218 1.35 -11.73 5.50
N SER B 219 1.75 -12.06 6.73
CA SER B 219 2.47 -11.10 7.56
C SER B 219 3.80 -10.72 6.93
N SER B 220 4.50 -11.71 6.37
CA SER B 220 5.77 -11.43 5.71
C SER B 220 5.58 -10.50 4.51
N ALA B 221 4.55 -10.75 3.71
CA ALA B 221 4.27 -9.88 2.57
C ALA B 221 3.79 -8.51 3.03
N GLY B 222 3.02 -8.46 4.10
CA GLY B 222 2.62 -7.17 4.65
C GLY B 222 3.81 -6.38 5.18
N ILE B 223 4.73 -7.05 5.85
CA ILE B 223 5.96 -6.40 6.30
C ILE B 223 6.79 -5.94 5.11
N GLY B 224 6.87 -6.77 4.07
CA GLY B 224 7.60 -6.38 2.88
C GLY B 224 7.03 -5.13 2.22
N LEU B 225 5.70 -5.04 2.16
CA LEU B 225 5.06 -3.81 1.69
C LEU B 225 5.37 -2.66 2.64
N PHE B 226 5.38 -2.94 3.94
CA PHE B 226 5.74 -1.92 4.93
C PHE B 226 7.16 -1.43 4.73
N LEU B 227 8.11 -2.36 4.54
CA LEU B 227 9.50 -1.96 4.33
C LEU B 227 9.67 -1.18 3.03
N ALA B 228 9.03 -1.63 1.96
CA ALA B 228 9.10 -0.91 0.69
C ALA B 228 8.43 0.45 0.80
N PHE B 229 7.38 0.55 1.61
CA PHE B 229 6.73 1.84 1.84
C PHE B 229 7.68 2.82 2.51
N ILE B 230 8.48 2.35 3.47
CA ILE B 230 9.47 3.21 4.10
C ILE B 230 10.54 3.62 3.11
N GLY B 231 10.96 2.69 2.25
CA GLY B 231 11.97 3.00 1.24
C GLY B 231 11.49 3.99 0.20
N LEU B 232 10.19 4.26 0.14
CA LEU B 232 9.63 5.25 -0.78
C LEU B 232 9.25 6.54 -0.08
N GLN B 233 9.74 6.76 1.13
CA GLN B 233 9.49 7.99 1.87
C GLN B 233 10.71 8.90 1.78
N ASN B 234 10.70 9.96 2.57
CA ASN B 234 11.76 10.98 2.47
C ASN B 234 12.83 10.79 3.56
N ASN B 235 12.41 10.56 4.80
CA ASN B 235 13.38 10.53 5.89
C ASN B 235 14.27 9.30 5.85
N GLN B 236 13.82 8.22 5.21
CA GLN B 236 14.63 7.01 5.14
C GLN B 236 14.67 6.39 3.75
N GLY B 237 13.98 6.97 2.77
CA GLY B 237 13.96 6.41 1.44
C GLY B 237 14.31 7.41 0.36
N ILE B 238 14.01 7.05 -0.90
CA ILE B 238 14.36 7.90 -2.03
C ILE B 238 13.36 9.00 -2.30
N GLY B 239 12.23 9.00 -1.61
CA GLY B 239 11.15 9.90 -1.95
C GLY B 239 10.15 9.20 -2.84
N LEU B 240 9.56 9.92 -3.78
CA LEU B 240 8.58 9.46 -4.75
C LEU B 240 7.20 9.25 -4.13
N VAL B 241 7.06 9.29 -2.81
CA VAL B 241 5.76 9.25 -2.16
C VAL B 241 5.68 10.44 -1.21
N GLY B 242 4.78 11.36 -1.50
CA GLY B 242 4.64 12.57 -0.71
C GLY B 242 3.18 12.83 -0.38
N TYR B 243 2.99 13.80 0.50
CA TYR B 243 1.66 14.14 0.98
C TYR B 243 0.81 14.71 -0.16
N SER B 244 -0.49 14.50 -0.05
CA SER B 244 -1.47 15.05 -0.97
C SER B 244 -2.62 15.66 -0.17
N PRO B 245 -3.04 16.88 -0.48
CA PRO B 245 -4.16 17.48 0.27
C PRO B 245 -5.44 16.67 0.17
N SER B 246 -5.68 16.02 -0.96
CA SER B 246 -6.92 15.28 -1.19
C SER B 246 -6.72 13.77 -1.11
N THR B 247 -5.74 13.24 -1.82
CA THR B 247 -5.56 11.80 -1.95
C THR B 247 -4.62 11.22 -0.91
N LEU B 248 -3.96 12.07 -0.12
CA LEU B 248 -3.13 11.73 1.03
C LEU B 248 -1.78 11.11 0.65
N VAL B 249 -1.61 10.74 -0.62
CA VAL B 249 -0.36 10.23 -1.17
C VAL B 249 -0.34 10.52 -2.67
N THR B 250 0.76 11.11 -3.16
CA THR B 250 0.98 11.29 -4.58
C THR B 250 2.46 11.11 -4.89
N LEU B 251 2.86 11.54 -6.08
CA LEU B 251 4.22 11.39 -6.57
C LEU B 251 5.08 12.51 -6.01
N ALA B 252 6.02 12.14 -5.14
CA ALA B 252 7.05 13.01 -4.58
C ALA B 252 8.28 12.95 -5.46
N ALA B 253 9.44 13.23 -4.86
CA ALA B 253 10.75 13.19 -5.51
C ALA B 253 10.98 14.43 -6.35
N CYS B 254 10.44 15.54 -5.91
CA CYS B 254 10.91 16.85 -6.32
C CYS B 254 12.03 17.31 -5.40
N PRO B 255 12.84 18.27 -5.84
CA PRO B 255 13.99 18.68 -5.03
C PRO B 255 13.57 19.18 -3.65
N ALA B 256 14.46 18.96 -2.67
CA ALA B 256 14.15 19.30 -1.29
C ALA B 256 13.83 20.78 -1.12
N SER B 257 14.34 21.63 -2.00
CA SER B 257 14.00 23.05 -1.95
C SER B 257 12.54 23.30 -2.27
N SER B 258 11.87 22.37 -2.93
CA SER B 258 10.47 22.52 -3.32
C SER B 258 9.54 21.65 -2.47
N ARG B 259 9.90 21.42 -1.22
CA ARG B 259 9.08 20.68 -0.27
C ARG B 259 8.75 21.57 0.91
N ILE B 260 7.50 21.49 1.38
CA ILE B 260 7.03 22.37 2.45
C ILE B 260 6.31 21.52 3.50
N SER B 261 6.18 22.11 4.68
CA SER B 261 5.62 21.43 5.84
C SER B 261 4.12 21.70 5.95
N LEU B 262 3.49 20.98 6.89
CA LEU B 262 2.06 21.08 7.12
C LEU B 262 1.80 21.30 8.60
N ALA B 263 0.82 22.14 8.91
CA ALA B 263 0.40 22.36 10.27
C ALA B 263 -1.12 22.30 10.33
N PRO B 264 -1.67 21.63 11.35
CA PRO B 264 -3.13 21.51 11.45
C PRO B 264 -3.79 22.88 11.61
N VAL B 265 -4.96 23.02 10.98
CA VAL B 265 -5.68 24.29 10.94
C VAL B 265 -7.16 24.03 11.24
N ILE B 266 -7.92 25.12 11.32
CA ILE B 266 -9.34 25.09 11.62
C ILE B 266 -10.09 25.67 10.43
N THR B 267 -11.11 24.96 9.95
CA THR B 267 -11.95 25.45 8.87
C THR B 267 -13.25 26.00 9.42
N SER B 268 -13.77 27.02 8.74
CA SER B 268 -15.04 27.64 9.09
C SER B 268 -15.87 27.71 7.82
N ALA B 269 -17.06 28.31 7.90
CA ALA B 269 -17.96 28.37 6.76
C ALA B 269 -17.62 29.50 5.80
N ASN B 270 -16.62 30.31 6.12
CA ASN B 270 -16.20 31.40 5.22
C ASN B 270 -14.79 31.17 4.71
N GLY B 271 -13.84 30.98 5.63
CA GLY B 271 -12.44 30.81 5.27
C GLY B 271 -11.70 30.02 6.33
N THR B 272 -10.49 29.59 5.98
CA THR B 272 -9.71 28.70 6.85
C THR B 272 -8.82 29.46 7.82
N VAL B 273 -9.42 30.02 8.88
CA VAL B 273 -8.62 30.66 9.93
C VAL B 273 -7.83 29.57 10.64
N SER B 274 -6.51 29.71 10.62
CA SER B 274 -5.60 28.58 10.78
C SER B 274 -5.01 28.39 12.18
N LEU B 275 -3.99 27.52 12.25
CA LEU B 275 -3.15 27.34 13.43
C LEU B 275 -3.86 26.88 14.70
N LEU B 276 -4.33 25.64 14.71
CA LEU B 276 -4.54 24.92 15.95
C LEU B 276 -3.24 25.00 16.73
N ALA B 277 -3.26 25.69 17.88
CA ALA B 277 -2.04 25.96 18.61
C ALA B 277 -1.43 24.67 19.13
N GLY B 278 -0.10 24.57 19.01
CA GLY B 278 0.61 23.39 19.45
C GLY B 278 0.55 22.21 18.51
N GLY B 279 0.05 22.39 17.29
CA GLY B 279 -0.05 21.28 16.37
C GLY B 279 1.31 20.80 15.91
N SER B 280 1.38 19.51 15.59
CA SER B 280 2.63 18.86 15.21
C SER B 280 2.91 19.15 13.74
N VAL B 281 3.87 20.04 13.49
CA VAL B 281 4.26 20.36 12.12
C VAL B 281 5.00 19.18 11.52
N SER B 282 4.68 18.86 10.28
CA SER B 282 5.28 17.71 9.60
C SER B 282 6.69 18.06 9.14
N GLY B 283 7.31 17.16 8.38
CA GLY B 283 8.62 17.42 7.84
C GLY B 283 8.54 18.20 6.56
N ASP B 284 9.14 17.70 5.49
CA ASP B 284 9.03 18.28 4.16
C ASP B 284 8.43 17.20 3.26
N ILE B 285 7.10 17.12 3.26
CA ILE B 285 6.40 16.04 2.58
C ILE B 285 5.55 16.51 1.41
N MET B 286 5.12 17.76 1.39
CA MET B 286 4.27 18.26 0.32
C MET B 286 5.14 18.87 -0.78
N CYS B 287 4.92 18.44 -2.01
CA CYS B 287 5.69 18.92 -3.14
C CYS B 287 4.92 20.04 -3.85
N ILE B 288 5.60 21.15 -4.12
CA ILE B 288 4.95 22.27 -4.79
C ILE B 288 5.16 22.22 -6.30
N HIS B 289 6.37 21.95 -6.76
CA HIS B 289 6.61 21.79 -8.19
C HIS B 289 7.87 20.95 -8.38
N GLY B 290 8.23 20.75 -9.64
CA GLY B 290 9.42 20.00 -9.99
C GLY B 290 9.37 18.52 -9.65
N ARG B 291 8.21 17.90 -9.77
CA ARG B 291 8.08 16.48 -9.49
C ARG B 291 8.98 15.67 -10.42
N MET B 292 9.53 14.58 -9.90
CA MET B 292 10.45 13.71 -10.64
C MET B 292 11.67 14.48 -11.13
N GLU B 293 12.19 15.37 -10.29
CA GLU B 293 13.39 16.12 -10.63
C GLU B 293 14.41 16.16 -9.51
N SER B 294 14.16 15.53 -8.38
CA SER B 294 15.13 15.54 -7.29
C SER B 294 16.29 14.60 -7.64
N PRO B 295 17.52 15.09 -7.67
CA PRO B 295 18.65 14.20 -8.01
C PRO B 295 18.85 13.07 -7.02
N THR B 296 18.53 13.28 -5.74
CA THR B 296 18.73 12.21 -4.76
C THR B 296 17.84 11.01 -5.08
N PHE B 297 16.61 11.26 -5.52
CA PHE B 297 15.74 10.17 -5.93
C PHE B 297 16.29 9.44 -7.14
N TRP B 298 16.79 10.19 -8.14
CA TRP B 298 17.35 9.56 -9.33
C TRP B 298 18.62 8.80 -9.01
N LEU B 299 19.40 9.28 -8.04
CA LEU B 299 20.57 8.51 -7.59
C LEU B 299 20.12 7.20 -6.94
N GLY B 300 19.05 7.24 -6.15
CA GLY B 300 18.52 6.02 -5.59
C GLY B 300 18.03 5.06 -6.65
N ILE B 301 17.38 5.58 -7.69
CA ILE B 301 16.91 4.72 -8.77
C ILE B 301 18.09 4.03 -9.46
N VAL B 302 19.19 4.77 -9.67
CA VAL B 302 20.38 4.17 -10.24
C VAL B 302 20.92 3.08 -9.32
N GLY B 303 20.93 3.34 -8.01
CA GLY B 303 21.29 2.29 -7.07
C GLY B 303 20.27 1.17 -7.05
N PHE B 304 18.99 1.49 -7.25
CA PHE B 304 17.97 0.47 -7.36
C PHE B 304 18.21 -0.42 -8.57
N VAL B 305 18.60 0.17 -9.70
CA VAL B 305 18.89 -0.63 -10.89
C VAL B 305 20.13 -1.49 -10.67
N ILE B 306 21.13 -0.95 -9.97
CA ILE B 306 22.36 -1.69 -9.74
C ILE B 306 22.09 -2.92 -8.88
N ILE B 307 21.33 -2.75 -7.80
CA ILE B 307 20.97 -3.89 -6.97
C ILE B 307 20.13 -4.88 -7.75
N ALA B 308 19.16 -4.38 -8.53
CA ALA B 308 18.25 -5.25 -9.24
C ALA B 308 19.00 -6.14 -10.25
N TYR B 309 19.92 -5.55 -11.00
CA TYR B 309 20.73 -6.36 -11.91
C TYR B 309 21.59 -7.36 -11.17
N CYS B 310 22.21 -6.95 -10.07
CA CYS B 310 23.03 -7.88 -9.30
C CYS B 310 22.17 -8.97 -8.67
N LEU B 311 20.96 -8.63 -8.22
CA LEU B 311 20.04 -9.65 -7.74
C LEU B 311 19.62 -10.58 -8.87
N VAL B 312 19.39 -10.03 -10.06
CA VAL B 312 19.02 -10.85 -11.21
C VAL B 312 20.16 -11.79 -11.60
N LYS B 313 21.37 -11.25 -11.64
CA LYS B 313 22.54 -12.02 -12.06
C LYS B 313 23.08 -12.93 -10.97
N ASN B 314 22.36 -13.09 -9.86
CA ASN B 314 22.78 -13.95 -8.75
C ASN B 314 24.16 -13.54 -8.23
N VAL B 315 24.40 -12.25 -8.16
CA VAL B 315 25.65 -11.71 -7.63
C VAL B 315 25.50 -11.54 -6.13
N LYS B 316 26.39 -12.18 -5.37
CA LYS B 316 26.35 -12.03 -3.92
C LYS B 316 26.73 -10.62 -3.53
N GLY B 317 26.13 -10.12 -2.45
CA GLY B 317 26.33 -8.75 -2.06
C GLY B 317 25.71 -7.75 -3.01
N ALA B 318 24.55 -8.07 -3.57
CA ALA B 318 23.86 -7.14 -4.46
C ALA B 318 23.48 -5.87 -3.72
N MET B 319 22.99 -6.00 -2.49
CA MET B 319 22.55 -4.83 -1.73
C MET B 319 23.70 -3.89 -1.43
N ILE B 320 24.88 -4.41 -1.08
CA ILE B 320 26.01 -3.56 -0.71
C ILE B 320 26.48 -2.74 -1.91
N TYR B 321 26.56 -3.38 -3.08
CA TYR B 321 27.05 -2.67 -4.26
C TYR B 321 26.16 -1.49 -4.60
N GLY B 322 24.84 -1.65 -4.49
CA GLY B 322 23.95 -0.53 -4.67
C GLY B 322 24.08 0.49 -3.57
N ILE B 323 24.23 0.03 -2.33
CA ILE B 323 24.42 0.95 -1.21
C ILE B 323 25.74 1.69 -1.34
N VAL B 324 26.82 0.95 -1.63
CA VAL B 324 28.13 1.57 -1.69
C VAL B 324 28.20 2.59 -2.82
N PHE B 325 27.66 2.23 -4.00
CA PHE B 325 27.73 3.13 -5.14
C PHE B 325 26.98 4.43 -4.85
N VAL B 326 25.77 4.32 -4.31
CA VAL B 326 25.00 5.52 -3.97
C VAL B 326 25.68 6.28 -2.85
N THR B 327 26.20 5.58 -1.84
CA THR B 327 26.88 6.24 -0.74
C THR B 327 28.16 6.90 -1.21
N ALA B 328 28.90 6.26 -2.12
CA ALA B 328 30.14 6.84 -2.61
C ALA B 328 29.90 8.12 -3.40
N VAL B 329 28.85 8.13 -4.24
CA VAL B 329 28.52 9.34 -4.97
C VAL B 329 28.07 10.44 -4.02
N SER B 330 27.37 10.08 -2.96
CA SER B 330 26.91 11.04 -1.97
C SER B 330 28.02 11.55 -1.08
N TRP B 331 29.22 10.96 -1.14
CA TRP B 331 30.32 11.40 -0.29
C TRP B 331 31.01 12.64 -0.83
N PHE B 332 30.76 13.01 -2.08
CA PHE B 332 31.32 14.24 -2.62
C PHE B 332 30.63 15.44 -1.99
N ARG B 333 31.42 16.47 -1.68
CA ARG B 333 30.98 17.48 -0.74
C ARG B 333 30.01 18.49 -1.35
N ASN B 334 30.18 18.85 -2.62
CA ASN B 334 29.48 19.99 -3.19
C ASN B 334 28.61 19.59 -4.37
N THR B 335 27.84 18.51 -4.23
CA THR B 335 26.86 18.11 -5.21
C THR B 335 25.46 18.27 -4.63
N GLU B 336 24.46 18.06 -5.47
CA GLU B 336 23.08 18.08 -5.00
C GLU B 336 22.69 16.79 -4.32
N VAL B 337 23.48 15.73 -4.48
CA VAL B 337 23.21 14.44 -3.86
C VAL B 337 24.14 14.20 -2.67
N THR B 338 24.79 15.25 -2.16
CA THR B 338 25.80 15.08 -1.12
C THR B 338 25.17 14.62 0.19
N ALA B 339 25.91 13.78 0.90
CA ALA B 339 25.53 13.36 2.24
C ALA B 339 26.04 14.28 3.32
N PHE B 340 26.87 15.26 2.98
CA PHE B 340 27.40 16.24 3.91
C PHE B 340 27.13 17.63 3.34
N PRO B 341 25.92 18.16 3.54
CA PRO B 341 25.61 19.49 3.04
C PRO B 341 26.43 20.57 3.76
N ASN B 342 26.51 21.73 3.13
CA ASN B 342 27.30 22.82 3.68
C ASN B 342 26.60 23.46 4.88
N THR B 343 26.42 22.70 5.95
CA THR B 343 25.81 23.17 7.17
C THR B 343 26.72 22.78 8.34
N SER B 344 26.40 23.28 9.53
CA SER B 344 27.18 22.93 10.71
C SER B 344 27.07 21.45 11.02
N ALA B 345 25.87 20.89 10.91
CA ALA B 345 25.69 19.45 11.10
C ALA B 345 26.35 18.67 9.97
N GLY B 346 26.23 19.16 8.74
CA GLY B 346 26.88 18.49 7.62
C GLY B 346 28.39 18.52 7.72
N ASP B 347 28.95 19.64 8.18
CA ASP B 347 30.39 19.73 8.37
C ASP B 347 30.86 18.74 9.43
N ALA B 348 30.10 18.61 10.53
CA ALA B 348 30.45 17.63 11.55
C ALA B 348 30.37 16.22 11.01
N ALA B 349 29.37 15.94 10.17
CA ALA B 349 29.26 14.62 9.57
C ALA B 349 30.46 14.31 8.69
N HIS B 350 30.94 15.31 7.94
CA HIS B 350 32.13 15.11 7.11
C HIS B 350 33.38 14.99 7.97
N ASP B 351 33.46 15.75 9.06
CA ASP B 351 34.63 15.68 9.93
C ASP B 351 34.74 14.31 10.56
N TYR B 352 33.63 13.73 10.99
CA TYR B 352 33.66 12.37 11.52
C TYR B 352 33.92 11.36 10.41
N PHE B 353 33.41 11.62 9.21
CA PHE B 353 33.65 10.71 8.10
C PHE B 353 35.10 10.75 7.65
N LYS B 354 35.77 11.89 7.84
CA LYS B 354 37.14 12.04 7.35
C LYS B 354 38.08 11.03 7.99
N LYS B 355 37.92 10.78 9.28
CA LYS B 355 38.66 9.70 9.93
C LYS B 355 38.04 8.38 9.54
N ILE B 356 38.72 7.62 8.67
CA ILE B 356 38.11 6.43 8.09
C ILE B 356 37.77 5.40 9.15
N VAL B 357 38.69 5.18 10.09
CA VAL B 357 38.56 4.13 11.09
C VAL B 357 38.44 4.77 12.47
N ASP B 358 37.48 4.28 13.25
CA ASP B 358 37.28 4.77 14.61
C ASP B 358 36.65 3.67 15.44
N VAL B 359 37.15 3.51 16.66
CA VAL B 359 36.58 2.56 17.61
C VAL B 359 35.63 3.36 18.50
N HIS B 360 34.34 3.00 18.42
CA HIS B 360 33.32 3.76 19.12
C HIS B 360 32.84 3.00 20.34
N VAL B 361 32.69 3.72 21.45
CA VAL B 361 32.21 3.16 22.70
C VAL B 361 30.78 3.65 22.92
N ILE B 362 29.85 2.73 23.06
CA ILE B 362 28.45 3.09 23.25
C ILE B 362 28.29 3.78 24.60
N LYS B 363 27.74 4.99 24.58
CA LYS B 363 27.62 5.80 25.78
C LYS B 363 26.19 6.07 26.21
N HIS B 364 25.26 6.18 25.29
CA HIS B 364 23.86 6.42 25.64
C HIS B 364 22.99 5.18 25.53
N THR B 365 23.15 4.40 24.47
CA THR B 365 22.24 3.32 24.13
C THR B 365 22.42 2.07 24.99
N ALA B 366 23.65 1.78 25.41
CA ALA B 366 23.92 0.56 26.14
C ALA B 366 23.32 0.62 27.54
N GLY B 367 22.61 -0.45 27.91
CA GLY B 367 21.99 -0.52 29.23
C GLY B 367 20.95 0.55 29.48
N ALA B 368 20.20 0.93 28.45
CA ALA B 368 19.22 2.00 28.54
C ALA B 368 17.81 1.47 28.75
N LEU B 369 17.67 0.33 29.43
CA LEU B 369 16.36 -0.22 29.70
C LEU B 369 15.63 0.62 30.74
N SER B 370 14.30 0.55 30.72
CA SER B 370 13.46 1.26 31.67
C SER B 370 12.12 0.58 31.75
N PHE B 371 11.78 0.03 32.91
CA PHE B 371 10.53 -0.67 33.10
C PHE B 371 9.43 0.22 33.70
N SER B 372 9.46 1.52 33.40
CA SER B 372 8.45 2.42 33.93
C SER B 372 7.10 2.27 33.24
N GLY B 373 7.11 1.94 31.95
CA GLY B 373 5.88 1.95 31.17
C GLY B 373 5.23 0.60 31.00
N ILE B 374 5.50 -0.34 31.92
CA ILE B 374 4.91 -1.67 31.81
C ILE B 374 3.39 -1.61 31.86
N ASN B 375 2.86 -0.80 32.78
CA ASN B 375 1.41 -0.73 32.98
C ASN B 375 0.66 -0.19 31.77
N LYS B 376 1.33 0.50 30.85
CA LYS B 376 0.65 1.06 29.70
C LYS B 376 0.27 -0.03 28.71
N GLY B 377 -0.89 0.16 28.06
CA GLY B 377 -1.36 -0.82 27.10
C GLY B 377 -0.51 -0.90 25.86
N HIS B 378 0.00 0.24 25.40
CA HIS B 378 0.83 0.25 24.19
C HIS B 378 2.11 -0.55 24.39
N PHE B 379 2.60 -0.64 25.62
CA PHE B 379 3.78 -1.46 25.90
C PHE B 379 3.49 -2.92 25.60
N TRP B 380 2.32 -3.41 26.04
CA TRP B 380 1.98 -4.81 25.81
C TRP B 380 1.59 -5.08 24.37
N GLU B 381 1.02 -4.09 23.69
CA GLU B 381 0.76 -4.23 22.26
C GLU B 381 2.05 -4.42 21.49
N ALA B 382 3.08 -3.63 21.84
CA ALA B 382 4.37 -3.77 21.19
C ALA B 382 5.04 -5.09 21.57
N LEU B 383 5.00 -5.44 22.86
CA LEU B 383 5.65 -6.67 23.31
C LEU B 383 5.02 -7.90 22.69
N VAL B 384 3.68 -7.94 22.63
CA VAL B 384 3.01 -9.08 22.00
C VAL B 384 3.28 -9.09 20.51
N THR B 385 3.34 -7.90 19.89
CA THR B 385 3.69 -7.84 18.47
C THR B 385 5.10 -8.34 18.23
N PHE B 386 6.03 -8.01 19.12
CA PHE B 386 7.37 -8.58 19.03
C PHE B 386 7.31 -10.08 19.19
N LEU B 387 6.49 -10.57 20.13
CA LEU B 387 6.38 -12.00 20.35
C LEU B 387 5.84 -12.71 19.11
N TYR B 388 4.77 -12.17 18.52
CA TYR B 388 4.19 -12.80 17.34
C TYR B 388 5.15 -12.74 16.15
N VAL B 389 5.69 -11.57 15.86
CA VAL B 389 6.51 -11.40 14.67
C VAL B 389 7.75 -12.29 14.75
N ASP B 390 8.33 -12.41 15.94
CA ASP B 390 9.55 -13.18 16.07
C ASP B 390 9.27 -14.68 15.98
N ILE B 391 8.08 -15.11 16.41
CA ILE B 391 7.72 -16.51 16.33
C ILE B 391 7.61 -16.95 14.87
N LEU B 392 6.96 -16.13 14.04
CA LEU B 392 6.82 -16.48 12.64
C LEU B 392 8.15 -16.45 11.92
N ASP B 393 8.97 -15.45 12.21
CA ASP B 393 10.23 -15.29 11.49
C ASP B 393 11.22 -16.39 11.86
N THR B 394 11.39 -16.64 13.16
CA THR B 394 12.41 -17.60 13.59
C THR B 394 12.05 -19.02 13.21
N THR B 395 10.82 -19.45 13.50
CA THR B 395 10.45 -20.84 13.22
C THR B 395 10.44 -21.13 11.72
N GLY B 396 9.94 -20.19 10.92
CA GLY B 396 9.95 -20.39 9.48
C GLY B 396 11.36 -20.45 8.92
N THR B 397 12.24 -19.58 9.41
CA THR B 397 13.60 -19.52 8.89
C THR B 397 14.41 -20.76 9.28
N LEU B 398 14.34 -21.16 10.56
CA LEU B 398 15.19 -22.25 11.02
C LEU B 398 14.90 -23.55 10.28
N TYR B 399 13.63 -23.87 10.09
CA TYR B 399 13.29 -25.11 9.40
C TYR B 399 13.61 -25.04 7.92
N SER B 400 13.48 -23.85 7.32
CA SER B 400 13.95 -23.66 5.95
C SER B 400 15.46 -23.85 5.85
N MET B 401 16.20 -23.34 6.84
CA MET B 401 17.64 -23.55 6.90
C MET B 401 17.97 -25.03 7.05
N ALA B 402 17.25 -25.72 7.94
CA ALA B 402 17.52 -27.14 8.15
C ALA B 402 17.22 -27.95 6.91
N ARG B 403 16.17 -27.59 6.18
CA ARG B 403 15.91 -28.22 4.89
C ARG B 403 17.04 -27.95 3.90
N PHE B 404 17.55 -26.72 3.85
CA PHE B 404 18.65 -26.40 2.96
C PHE B 404 19.90 -27.19 3.32
N ALA B 405 20.20 -27.29 4.61
CA ALA B 405 21.39 -27.99 5.07
C ALA B 405 21.18 -29.49 5.21
N GLY B 406 19.98 -29.98 4.95
CA GLY B 406 19.70 -31.40 5.07
C GLY B 406 19.80 -31.92 6.49
N PHE B 407 19.51 -31.08 7.48
CA PHE B 407 19.52 -31.50 8.87
C PHE B 407 18.17 -32.03 9.34
N VAL B 408 17.12 -31.90 8.53
CA VAL B 408 15.80 -32.37 8.92
C VAL B 408 15.74 -33.88 8.79
N ASP B 409 15.37 -34.55 9.87
CA ASP B 409 15.17 -35.99 9.86
C ASP B 409 13.72 -36.31 9.50
N GLU B 410 13.34 -37.58 9.63
CA GLU B 410 11.94 -37.94 9.38
C GLU B 410 11.01 -37.28 10.38
N LYS B 411 11.47 -37.15 11.63
CA LYS B 411 10.66 -36.50 12.66
C LYS B 411 10.47 -35.01 12.40
N GLY B 412 11.29 -34.41 11.55
CA GLY B 412 11.16 -33.02 11.22
C GLY B 412 12.02 -32.07 12.03
N ASP B 413 12.88 -32.58 12.91
CA ASP B 413 13.75 -31.77 13.72
C ASP B 413 15.15 -31.76 13.12
N PHE B 414 16.01 -30.88 13.65
CA PHE B 414 17.38 -30.80 13.19
C PHE B 414 18.35 -30.80 14.37
N ALA B 415 18.11 -31.71 15.31
CA ALA B 415 19.06 -32.04 16.37
C ALA B 415 19.35 -30.85 17.28
N GLY B 416 20.05 -29.85 16.75
CA GLY B 416 20.46 -28.71 17.54
C GLY B 416 19.43 -27.62 17.60
N GLN B 417 18.17 -27.95 17.31
CA GLN B 417 17.13 -26.93 17.33
C GLN B 417 16.91 -26.38 18.72
N TYR B 418 17.11 -27.21 19.75
CA TYR B 418 16.88 -26.76 21.11
C TYR B 418 17.77 -25.58 21.47
N PHE B 419 19.06 -25.69 21.15
CA PHE B 419 19.97 -24.58 21.40
C PHE B 419 19.83 -23.49 20.35
N ALA B 420 19.39 -23.82 19.14
CA ALA B 420 19.20 -22.80 18.11
C ALA B 420 18.14 -21.79 18.54
N PHE B 421 17.05 -22.27 19.12
CA PHE B 421 16.02 -21.36 19.63
C PHE B 421 16.51 -20.62 20.87
N MET B 422 17.24 -21.32 21.75
CA MET B 422 17.72 -20.67 22.96
C MET B 422 18.85 -19.70 22.65
N SER B 423 19.65 -19.98 21.61
CA SER B 423 20.63 -19.01 21.15
C SER B 423 19.97 -17.75 20.64
N ASP B 424 18.90 -17.90 19.85
CA ASP B 424 18.19 -16.74 19.35
C ASP B 424 17.58 -15.93 20.47
N ALA B 425 17.00 -16.61 21.46
CA ALA B 425 16.43 -15.89 22.60
C ALA B 425 17.50 -15.16 23.39
N SER B 426 18.64 -15.80 23.63
CA SER B 426 19.71 -15.16 24.39
C SER B 426 20.25 -13.94 23.66
N ALA B 427 20.38 -14.03 22.33
CA ALA B 427 20.89 -12.91 21.57
C ALA B 427 19.93 -11.72 21.60
N ILE B 428 18.62 -12.00 21.70
CA ILE B 428 17.63 -10.92 21.78
C ILE B 428 17.78 -10.16 23.09
N VAL B 429 18.02 -10.89 24.18
CA VAL B 429 18.23 -10.24 25.47
C VAL B 429 19.46 -9.35 25.43
N ILE B 430 20.55 -9.84 24.84
CA ILE B 430 21.77 -9.04 24.74
C ILE B 430 21.54 -7.84 23.82
N GLY B 431 20.83 -8.04 22.72
CA GLY B 431 20.56 -6.94 21.81
C GLY B 431 19.78 -5.82 22.47
N SER B 432 18.79 -6.17 23.30
CA SER B 432 18.05 -5.15 24.02
C SER B 432 18.95 -4.39 24.99
N LEU B 433 19.83 -5.09 25.69
CA LEU B 433 20.75 -4.44 26.62
C LEU B 433 21.68 -3.49 25.88
N LEU B 434 22.17 -3.89 24.70
CA LEU B 434 22.94 -2.99 23.87
C LEU B 434 22.08 -1.92 23.24
N GLY B 435 20.78 -2.14 23.11
CA GLY B 435 19.86 -1.14 22.64
C GLY B 435 19.49 -1.24 21.18
N THR B 436 19.12 -2.43 20.72
CA THR B 436 18.67 -2.63 19.36
C THR B 436 17.37 -3.41 19.35
N SER B 437 16.76 -3.50 18.17
CA SER B 437 15.57 -4.31 17.98
C SER B 437 15.95 -5.79 18.09
N PRO B 438 14.97 -6.67 18.32
CA PRO B 438 15.29 -8.09 18.48
C PRO B 438 16.02 -8.65 17.26
N VAL B 439 16.96 -9.55 17.53
CA VAL B 439 17.82 -10.13 16.49
C VAL B 439 17.35 -11.54 16.17
N TYR B 440 17.38 -11.89 14.89
CA TYR B 440 16.89 -13.18 14.42
C TYR B 440 17.95 -13.84 13.53
N VAL B 441 17.70 -15.10 13.20
CA VAL B 441 18.40 -15.75 12.10
C VAL B 441 17.79 -15.24 10.80
N PHE B 442 18.62 -14.67 9.94
CA PHE B 442 18.12 -14.19 8.66
C PHE B 442 17.91 -15.32 7.67
N ILE B 443 17.02 -15.05 6.70
CA ILE B 443 16.88 -15.90 5.53
C ILE B 443 18.16 -15.92 4.72
N GLU B 444 18.95 -14.83 4.78
CA GLU B 444 20.22 -14.78 4.06
C GLU B 444 21.25 -15.74 4.65
N SER B 445 20.98 -16.32 5.82
CA SER B 445 21.84 -17.38 6.32
C SER B 445 21.83 -18.59 5.40
N SER B 446 20.78 -18.73 4.59
CA SER B 446 20.72 -19.83 3.62
C SER B 446 21.82 -19.73 2.58
N THR B 447 22.30 -18.51 2.32
CA THR B 447 23.31 -18.34 1.28
C THR B 447 24.58 -19.11 1.61
N GLY B 448 25.12 -18.92 2.81
CA GLY B 448 26.34 -19.64 3.18
C GLY B 448 26.14 -21.14 3.24
N ILE B 449 24.92 -21.58 3.56
CA ILE B 449 24.64 -23.02 3.55
C ILE B 449 24.82 -23.59 2.15
N ARG B 450 24.52 -22.79 1.12
CA ARG B 450 24.67 -23.27 -0.25
C ARG B 450 26.13 -23.53 -0.61
N GLU B 451 27.06 -22.67 -0.18
CA GLU B 451 28.46 -22.94 -0.47
C GLU B 451 29.06 -24.03 0.41
N GLY B 452 28.31 -24.54 1.38
CA GLY B 452 28.76 -25.65 2.20
C GLY B 452 28.90 -25.36 3.68
N GLY B 453 28.35 -24.26 4.18
CA GLY B 453 28.37 -24.01 5.60
C GLY B 453 27.54 -25.03 6.34
N ARG B 454 28.16 -25.79 7.23
CA ARG B 454 27.47 -26.83 7.98
C ARG B 454 27.63 -26.73 9.48
N THR B 455 28.73 -26.21 9.99
CA THR B 455 28.98 -26.11 11.41
C THR B 455 28.89 -24.66 11.86
N GLY B 456 29.03 -24.46 13.17
CA GLY B 456 28.96 -23.12 13.72
C GLY B 456 30.12 -22.22 13.36
N LEU B 457 31.15 -22.78 12.71
CA LEU B 457 32.27 -21.97 12.28
C LEU B 457 31.86 -20.93 11.25
N THR B 458 30.81 -21.20 10.48
CA THR B 458 30.29 -20.20 9.57
C THR B 458 29.77 -18.99 10.33
N ALA B 459 29.05 -19.22 11.43
CA ALA B 459 28.56 -18.12 12.25
C ALA B 459 29.73 -17.36 12.87
N ILE B 460 30.78 -18.06 13.28
CA ILE B 460 31.96 -17.41 13.81
C ILE B 460 32.60 -16.53 12.75
N THR B 461 32.68 -17.03 11.51
CA THR B 461 33.25 -16.26 10.42
C THR B 461 32.44 -15.00 10.15
N VAL B 462 31.11 -15.12 10.15
CA VAL B 462 30.26 -13.95 10.01
C VAL B 462 30.46 -13.01 11.19
N ALA B 463 30.66 -13.59 12.39
CA ALA B 463 30.93 -12.77 13.56
C ALA B 463 32.25 -12.01 13.42
N VAL B 464 33.26 -12.64 12.85
CA VAL B 464 34.55 -11.97 12.65
C VAL B 464 34.39 -10.82 11.66
N TYR B 465 33.62 -11.03 10.59
CA TYR B 465 33.41 -9.97 9.61
C TYR B 465 32.70 -8.78 10.26
N PHE B 466 31.70 -9.05 11.11
CA PHE B 466 31.04 -7.97 11.81
C PHE B 466 32.01 -7.24 12.73
N LEU B 467 32.96 -7.95 13.32
CA LEU B 467 34.00 -7.29 14.10
C LEU B 467 34.79 -6.34 13.24
N LEU B 468 35.14 -6.77 12.02
CA LEU B 468 35.80 -5.87 11.08
C LEU B 468 34.85 -4.79 10.56
N ALA B 469 33.54 -4.99 10.69
CA ALA B 469 32.60 -3.94 10.33
C ALA B 469 32.62 -2.81 11.34
N MET B 470 33.02 -3.09 12.58
CA MET B 470 33.40 -2.03 13.49
C MET B 470 34.69 -1.40 12.99
N PHE B 471 35.16 -0.35 13.67
CA PHE B 471 36.30 0.42 13.20
C PHE B 471 36.00 1.03 11.84
N PHE B 472 34.73 1.00 11.44
CA PHE B 472 34.25 1.61 10.21
C PHE B 472 32.92 2.31 10.44
N THR B 473 32.66 2.68 11.70
CA THR B 473 31.51 3.52 12.01
C THR B 473 31.48 4.81 11.19
N PRO B 474 32.58 5.55 11.01
CA PRO B 474 32.51 6.75 10.18
C PRO B 474 32.01 6.50 8.77
N LEU B 475 32.41 5.39 8.16
CA LEU B 475 31.93 5.07 6.83
C LEU B 475 30.47 4.61 6.84
N LEU B 476 29.99 4.07 7.96
CA LEU B 476 28.62 3.61 8.06
C LEU B 476 27.65 4.68 8.54
N ALA B 477 28.14 5.68 9.27
CA ALA B 477 27.30 6.79 9.68
C ALA B 477 27.13 7.84 8.60
N SER B 478 27.80 7.69 7.46
CA SER B 478 27.74 8.63 6.36
C SER B 478 26.87 8.11 5.21
N ILE B 479 25.98 7.17 5.49
CA ILE B 479 25.13 6.56 4.48
C ILE B 479 23.84 7.36 4.41
N PRO B 480 23.53 8.02 3.30
CA PRO B 480 22.36 8.88 3.24
C PRO B 480 21.07 8.09 3.15
N ALA B 481 19.95 8.83 3.27
CA ALA B 481 18.64 8.20 3.22
C ALA B 481 18.36 7.57 1.87
N TRP B 482 18.74 8.24 0.78
CA TRP B 482 18.51 7.68 -0.54
C TRP B 482 19.41 6.49 -0.85
N ALA B 483 20.39 6.21 0.00
CA ALA B 483 21.16 4.98 -0.12
C ALA B 483 20.50 3.82 0.64
N VAL B 484 19.87 4.12 1.78
CA VAL B 484 19.11 3.10 2.50
C VAL B 484 17.96 2.61 1.63
N GLY B 485 17.03 3.51 1.33
CA GLY B 485 16.37 3.56 0.05
C GLY B 485 16.06 2.25 -0.63
N PRO B 486 16.68 2.05 -1.79
CA PRO B 486 16.32 0.94 -2.69
C PRO B 486 16.46 -0.43 -2.06
N PRO B 487 17.45 -0.66 -1.17
CA PRO B 487 17.44 -1.93 -0.44
C PRO B 487 16.14 -2.23 0.27
N LEU B 488 15.51 -1.24 0.90
CA LEU B 488 14.23 -1.46 1.55
C LEU B 488 13.17 -1.88 0.52
N ILE B 489 13.15 -1.22 -0.63
CA ILE B 489 12.21 -1.59 -1.67
C ILE B 489 12.48 -3.01 -2.15
N LEU B 490 13.76 -3.36 -2.34
CA LEU B 490 14.10 -4.67 -2.87
C LEU B 490 14.01 -5.77 -1.82
N VAL B 491 14.20 -5.45 -0.54
CA VAL B 491 13.88 -6.41 0.51
C VAL B 491 12.37 -6.66 0.54
N GLY B 492 11.58 -5.62 0.30
CA GLY B 492 10.15 -5.80 0.21
C GLY B 492 9.74 -6.70 -0.95
N VAL B 493 10.50 -6.65 -2.04
CA VAL B 493 10.21 -7.52 -3.18
C VAL B 493 10.44 -8.98 -2.80
N MET B 494 11.54 -9.26 -2.11
CA MET B 494 11.85 -10.64 -1.76
C MET B 494 10.89 -11.19 -0.71
N MET B 495 10.48 -10.36 0.24
CA MET B 495 9.49 -10.79 1.23
C MET B 495 8.12 -11.04 0.62
N MET B 496 7.88 -10.51 -0.58
CA MET B 496 6.57 -10.59 -1.21
C MET B 496 6.27 -11.98 -1.77
N LYS B 497 7.27 -12.84 -1.90
CA LYS B 497 7.09 -14.15 -2.51
C LYS B 497 6.16 -15.07 -1.73
N SER B 498 5.85 -14.74 -0.48
CA SER B 498 5.00 -15.60 0.34
C SER B 498 3.54 -15.60 -0.11
N VAL B 499 3.15 -14.69 -1.02
CA VAL B 499 1.75 -14.60 -1.41
C VAL B 499 1.33 -15.83 -2.20
N THR B 500 2.27 -16.56 -2.79
CA THR B 500 1.93 -17.66 -3.69
C THR B 500 1.27 -18.83 -2.99
N GLU B 501 1.46 -19.00 -1.68
CA GLU B 501 0.78 -20.08 -0.97
C GLU B 501 -0.42 -19.62 -0.17
N ILE B 502 -0.99 -18.46 -0.50
CA ILE B 502 -2.30 -18.07 0.02
C ILE B 502 -3.36 -18.45 -1.00
N ASP B 503 -4.38 -19.18 -0.54
CA ASP B 503 -5.49 -19.59 -1.40
C ASP B 503 -6.39 -18.39 -1.61
N TRP B 504 -6.07 -17.59 -2.63
CA TRP B 504 -6.85 -16.39 -2.90
C TRP B 504 -8.25 -16.70 -3.41
N GLU B 505 -8.52 -17.95 -3.81
CA GLU B 505 -9.88 -18.32 -4.17
C GLU B 505 -10.78 -18.41 -2.94
N ASP B 506 -10.22 -18.77 -1.79
CA ASP B 506 -10.98 -18.93 -0.56
C ASP B 506 -11.04 -17.59 0.16
N MET B 507 -12.24 -17.04 0.31
CA MET B 507 -12.40 -15.76 0.98
C MET B 507 -12.10 -15.85 2.47
N ARG B 508 -12.24 -17.02 3.08
CA ARG B 508 -11.87 -17.16 4.48
C ARG B 508 -10.38 -17.02 4.70
N GLU B 509 -9.58 -17.20 3.64
CA GLU B 509 -8.15 -16.98 3.71
C GLU B 509 -7.68 -15.77 2.91
N ALA B 510 -8.38 -15.43 1.83
CA ALA B 510 -7.99 -14.27 1.04
C ALA B 510 -8.27 -12.97 1.76
N ILE B 511 -9.41 -12.88 2.46
CA ILE B 511 -9.74 -11.65 3.18
C ILE B 511 -8.81 -11.40 4.36
N PRO B 512 -8.59 -12.35 5.29
CA PRO B 512 -7.62 -12.09 6.36
C PRO B 512 -6.21 -11.85 5.84
N ALA B 513 -5.80 -12.55 4.78
CA ALA B 513 -4.47 -12.33 4.23
C ALA B 513 -4.36 -10.95 3.61
N PHE B 514 -5.36 -10.54 2.84
CA PHE B 514 -5.34 -9.20 2.26
C PHE B 514 -5.38 -8.13 3.34
N VAL B 515 -6.22 -8.31 4.36
CA VAL B 515 -6.32 -7.33 5.42
C VAL B 515 -5.02 -7.24 6.21
N THR B 516 -4.43 -8.39 6.53
CA THR B 516 -3.12 -8.38 7.19
C THR B 516 -2.08 -7.71 6.31
N MET B 517 -2.11 -8.01 5.02
CA MET B 517 -1.07 -7.54 4.11
C MET B 517 -1.17 -6.04 3.87
N ILE B 518 -2.38 -5.50 3.82
CA ILE B 518 -2.55 -4.13 3.39
C ILE B 518 -2.52 -3.15 4.56
N LEU B 519 -2.87 -3.58 5.78
CA LEU B 519 -2.88 -2.65 6.89
C LEU B 519 -1.48 -2.28 7.35
N MET B 520 -0.52 -3.21 7.22
CA MET B 520 0.84 -2.93 7.69
C MET B 520 1.47 -1.74 6.99
N PRO B 521 1.34 -1.55 5.67
CA PRO B 521 1.85 -0.30 5.07
C PRO B 521 0.88 0.87 5.18
N LEU B 522 -0.42 0.60 5.32
CA LEU B 522 -1.40 1.68 5.29
C LEU B 522 -1.59 2.31 6.66
N THR B 523 -1.93 1.52 7.67
CA THR B 523 -1.82 2.00 9.04
C THR B 523 -0.36 2.20 9.43
N TYR B 524 0.55 1.70 8.60
CA TYR B 524 2.00 1.89 8.70
C TYR B 524 2.47 1.27 10.02
N SER B 525 1.93 0.09 10.33
CA SER B 525 2.16 -0.54 11.62
C SER B 525 1.97 -2.03 11.50
N VAL B 526 2.96 -2.80 11.93
CA VAL B 526 2.87 -4.26 11.87
C VAL B 526 1.81 -4.76 12.85
N ALA B 527 1.72 -4.12 14.03
CA ALA B 527 0.77 -4.56 15.03
C ALA B 527 -0.66 -4.41 14.54
N TYR B 528 -0.98 -3.28 13.92
CA TYR B 528 -2.34 -3.05 13.43
C TYR B 528 -2.68 -3.98 12.28
N GLY B 529 -1.69 -4.32 11.45
CA GLY B 529 -1.93 -5.30 10.40
C GLY B 529 -2.21 -6.68 10.97
N LEU B 530 -1.50 -7.07 12.03
CA LEU B 530 -1.74 -8.37 12.64
C LEU B 530 -3.06 -8.40 13.39
N ILE B 531 -3.36 -7.33 14.14
CA ILE B 531 -4.60 -7.29 14.91
C ILE B 531 -5.80 -7.32 13.97
N GLY B 532 -5.74 -6.54 12.89
CA GLY B 532 -6.83 -6.57 11.93
C GLY B 532 -6.98 -7.92 11.26
N GLY B 533 -5.86 -8.53 10.87
CA GLY B 533 -5.92 -9.83 10.22
C GLY B 533 -6.40 -10.93 11.14
N ILE B 534 -5.90 -10.96 12.37
CA ILE B 534 -6.37 -11.95 13.34
C ILE B 534 -7.83 -11.73 13.67
N GLY B 535 -8.22 -10.47 13.85
CA GLY B 535 -9.62 -10.17 14.09
C GLY B 535 -10.52 -10.57 12.93
N SER B 536 -10.07 -10.31 11.70
CA SER B 536 -10.83 -10.72 10.54
C SER B 536 -10.88 -12.24 10.43
N TYR B 537 -9.78 -12.93 10.73
CA TYR B 537 -9.77 -14.38 10.70
C TYR B 537 -10.72 -14.96 11.74
N VAL B 538 -10.72 -14.41 12.95
CA VAL B 538 -11.59 -14.90 14.00
C VAL B 538 -13.05 -14.67 13.65
N VAL B 539 -13.37 -13.47 13.16
CA VAL B 539 -14.75 -13.16 12.82
C VAL B 539 -15.24 -14.02 11.67
N LEU B 540 -14.43 -14.18 10.63
CA LEU B 540 -14.87 -14.90 9.45
C LEU B 540 -15.00 -16.40 9.70
N HIS B 541 -14.42 -16.89 10.79
CA HIS B 541 -14.51 -18.30 11.14
C HIS B 541 -15.43 -18.56 12.33
N LEU B 542 -16.09 -17.53 12.86
CA LEU B 542 -17.00 -17.74 13.98
C LEU B 542 -18.16 -18.64 13.60
N TRP B 543 -18.71 -18.47 12.39
CA TRP B 543 -19.82 -19.31 11.95
C TRP B 543 -19.39 -20.76 11.86
N ASP B 544 -18.21 -21.01 11.31
CA ASP B 544 -17.73 -22.38 11.16
C ASP B 544 -17.44 -23.02 12.51
N TRP B 545 -16.81 -22.27 13.42
CA TRP B 545 -16.53 -22.81 14.75
C TRP B 545 -17.82 -23.05 15.53
N GLY B 546 -18.77 -22.12 15.42
CA GLY B 546 -20.07 -22.33 16.07
C GLY B 546 -20.81 -23.52 15.51
N GLU B 547 -20.73 -23.72 14.19
CA GLU B 547 -21.38 -24.88 13.58
C GLU B 547 -20.77 -26.18 14.09
N GLU B 548 -19.44 -26.25 14.10
CA GLU B 548 -18.77 -27.47 14.57
C GLU B 548 -18.94 -27.65 16.06
N GLY B 549 -19.01 -26.56 16.82
CA GLY B 549 -19.29 -26.69 18.24
C GLY B 549 -20.65 -27.31 18.50
N LEU B 550 -21.65 -26.92 17.72
CA LEU B 550 -22.98 -27.53 17.86
C LEU B 550 -22.97 -28.97 17.38
N VAL B 551 -22.16 -29.28 16.37
CA VAL B 551 -22.04 -30.66 15.90
C VAL B 551 -21.45 -31.54 17.00
N LYS B 552 -20.38 -31.08 17.64
CA LYS B 552 -19.79 -31.84 18.74
C LYS B 552 -20.78 -31.98 19.88
N LEU B 553 -21.51 -30.90 20.20
CA LEU B 553 -22.55 -30.99 21.20
C LEU B 553 -23.69 -31.90 20.76
N GLY B 554 -24.06 -31.85 19.47
CA GLY B 554 -25.05 -32.74 18.92
C GLY B 554 -26.33 -32.09 18.43
N PHE B 555 -26.45 -30.77 18.51
CA PHE B 555 -27.64 -30.10 17.99
C PHE B 555 -27.75 -30.22 16.47
N LEU B 556 -26.66 -30.50 15.78
CA LEU B 556 -26.66 -30.62 14.32
C LEU B 556 -26.04 -31.94 13.92
N LYS B 557 -26.28 -32.32 12.66
CA LYS B 557 -25.75 -33.56 12.11
C LYS B 557 -24.71 -33.28 11.03
#